data_3Q8J
# 
_entry.id   3Q8J 
# 
_audit_conform.dict_name       mmcif_pdbx.dic 
_audit_conform.dict_version    5.398 
_audit_conform.dict_location   http://mmcif.pdb.org/dictionaries/ascii/mmcif_pdbx.dic 
# 
loop_
_database_2.database_id 
_database_2.database_code 
_database_2.pdbx_database_accession 
_database_2.pdbx_DOI 
PDB   3Q8J         pdb_00003q8j 10.2210/pdb3q8j/pdb 
RCSB  RCSB063328   ?            ?                   
WWPDB D_1000063328 ?            ?                   
# 
loop_
_pdbx_audit_revision_history.ordinal 
_pdbx_audit_revision_history.data_content_type 
_pdbx_audit_revision_history.major_revision 
_pdbx_audit_revision_history.minor_revision 
_pdbx_audit_revision_history.revision_date 
1 'Structure model' 1 0 2012-04-18 
2 'Structure model' 1 1 2012-10-31 
3 'Structure model' 1 2 2017-11-08 
4 'Structure model' 2 0 2019-12-25 
5 'Structure model' 2 1 2024-10-30 
# 
_pdbx_audit_revision_details.ordinal             1 
_pdbx_audit_revision_details.revision_ordinal    1 
_pdbx_audit_revision_details.data_content_type   'Structure model' 
_pdbx_audit_revision_details.provider            repository 
_pdbx_audit_revision_details.type                'Initial release' 
_pdbx_audit_revision_details.description         ? 
_pdbx_audit_revision_details.details             ? 
# 
loop_
_pdbx_audit_revision_group.ordinal 
_pdbx_audit_revision_group.revision_ordinal 
_pdbx_audit_revision_group.data_content_type 
_pdbx_audit_revision_group.group 
1 2 'Structure model' 'Database references'    
2 3 'Structure model' 'Refinement description' 
3 4 'Structure model' 'Derived calculations'   
4 4 'Structure model' 'Polymer sequence'       
5 5 'Structure model' 'Data collection'        
6 5 'Structure model' 'Database references'    
7 5 'Structure model' 'Structure summary'      
# 
loop_
_pdbx_audit_revision_category.ordinal 
_pdbx_audit_revision_category.revision_ordinal 
_pdbx_audit_revision_category.data_content_type 
_pdbx_audit_revision_category.category 
1 3 'Structure model' software                  
2 4 'Structure model' entity_poly               
3 4 'Structure model' pdbx_struct_mod_residue   
4 4 'Structure model' struct_conn               
5 5 'Structure model' chem_comp_atom            
6 5 'Structure model' chem_comp_bond            
7 5 'Structure model' database_2                
8 5 'Structure model' pdbx_entry_details        
9 5 'Structure model' pdbx_modification_feature 
# 
loop_
_pdbx_audit_revision_item.ordinal 
_pdbx_audit_revision_item.revision_ordinal 
_pdbx_audit_revision_item.data_content_type 
_pdbx_audit_revision_item.item 
1 4 'Structure model' '_entity_poly.pdbx_seq_one_letter_code_can' 
2 4 'Structure model' '_pdbx_struct_mod_residue.parent_comp_id'   
3 4 'Structure model' '_struct_conn.pdbx_leaving_atom_flag'       
4 5 'Structure model' '_database_2.pdbx_DOI'                      
5 5 'Structure model' '_database_2.pdbx_database_accession'       
# 
_pdbx_database_status.entry_id                        3Q8J 
_pdbx_database_status.status_code                     REL 
_pdbx_database_status.deposit_site                    RCSB 
_pdbx_database_status.process_site                    PDBJ 
_pdbx_database_status.recvd_initial_deposition_date   2011-01-06 
_pdbx_database_status.status_code_sf                  REL 
_pdbx_database_status.status_code_mr                  ? 
_pdbx_database_status.SG_entry                        ? 
_pdbx_database_status.status_code_cs                  ? 
_pdbx_database_status.methods_development_category    ? 
_pdbx_database_status.pdb_format_compatible           Y 
_pdbx_database_status.status_code_nmr_data            ? 
# 
loop_
_audit_author.name 
_audit_author.pdbx_ordinal 
'Bowling, J.J.'  1 
'Fronczek, F.R.' 2 
'Hamann, M.T.'   3 
'Li, H.'         4 
'Jung, J.H.'     5 
# 
_citation.id                        primary 
_citation.title                     'An Uncommon Crystal Structure of a Marine Knottin Peptide from Asteropus sp.' 
_citation.journal_abbrev            'To be published' 
_citation.journal_volume            ? 
_citation.page_first                ? 
_citation.page_last                 ? 
_citation.year                      ? 
_citation.journal_id_ASTM           ? 
_citation.country                   ? 
_citation.journal_id_ISSN           ? 
_citation.journal_id_CSD            0353 
_citation.book_publisher            ? 
_citation.pdbx_database_id_PubMed   ? 
_citation.pdbx_database_id_DOI      ? 
# 
loop_
_citation_author.citation_id 
_citation_author.name 
_citation_author.ordinal 
_citation_author.identifier_ORCID 
primary 'Li, H.'         1 ? 
primary 'Bowling, J.J.'  2 ? 
primary 'Fronczek, F.R.' 3 ? 
primary 'Hong, J.'       4 ? 
primary 'Hamann, M.T.'   5 ? 
primary 'Jung, J.H.'     6 ? 
# 
loop_
_entity.id 
_entity.type 
_entity.src_method 
_entity.pdbx_description 
_entity.formula_weight 
_entity.pdbx_number_of_molecules 
_entity.pdbx_ec 
_entity.pdbx_mutation 
_entity.pdbx_fragment 
_entity.details 
1 polymer     nat 'Asteropsin A' 3904.384 1  ? ? ? ? 
2 non-polymer syn METHANOL       32.042   11 ? ? ? ? 
3 water       nat water          18.015   10 ? ? ? ? 
# 
_entity_name_com.entity_id   1 
_entity_name_com.name        ABU8-1 
# 
_entity_poly.entity_id                      1 
_entity_poly.type                           'polypeptide(L)' 
_entity_poly.nstd_linkage                   no 
_entity_poly.nstd_monomer                   yes 
_entity_poly.pdbx_seq_one_letter_code       '(PCA)GCAFEGESCNVQFYPCCPGLGLTCIPGNPDGTCYYL' 
_entity_poly.pdbx_seq_one_letter_code_can   QGCAFEGESCNVQFYPCCPGLGLTCIPGNPDGTCYYL 
_entity_poly.pdbx_strand_id                 A 
_entity_poly.pdbx_target_identifier         ? 
# 
loop_
_pdbx_entity_nonpoly.entity_id 
_pdbx_entity_nonpoly.name 
_pdbx_entity_nonpoly.comp_id 
2 METHANOL MOH 
3 water    HOH 
# 
loop_
_entity_poly_seq.entity_id 
_entity_poly_seq.num 
_entity_poly_seq.mon_id 
_entity_poly_seq.hetero 
1 1  PCA n 
1 2  GLY n 
1 3  CYS n 
1 4  ALA n 
1 5  PHE n 
1 6  GLU n 
1 7  GLY n 
1 8  GLU n 
1 9  SER n 
1 10 CYS n 
1 11 ASN n 
1 12 VAL n 
1 13 GLN n 
1 14 PHE n 
1 15 TYR n 
1 16 PRO n 
1 17 CYS n 
1 18 CYS n 
1 19 PRO n 
1 20 GLY n 
1 21 LEU n 
1 22 GLY n 
1 23 LEU n 
1 24 THR n 
1 25 CYS n 
1 26 ILE n 
1 27 PRO n 
1 28 GLY n 
1 29 ASN n 
1 30 PRO n 
1 31 ASP n 
1 32 GLY n 
1 33 THR n 
1 34 CYS n 
1 35 TYR n 
1 36 TYR n 
1 37 LEU n 
# 
_entity_src_nat.entity_id                  1 
_entity_src_nat.pdbx_src_id                1 
_entity_src_nat.pdbx_alt_source_flag       sample 
_entity_src_nat.pdbx_beg_seq_num           ? 
_entity_src_nat.pdbx_end_seq_num           ? 
_entity_src_nat.common_name                ? 
_entity_src_nat.pdbx_organism_scientific   Asteropus 
_entity_src_nat.pdbx_ncbi_taxonomy_id      350938 
_entity_src_nat.genus                      ? 
_entity_src_nat.species                    ? 
_entity_src_nat.strain                     ? 
_entity_src_nat.tissue                     ? 
_entity_src_nat.tissue_fraction            ? 
_entity_src_nat.pdbx_secretion             ? 
_entity_src_nat.pdbx_fragment              ? 
_entity_src_nat.pdbx_variant               ? 
_entity_src_nat.pdbx_cell_line             ? 
_entity_src_nat.pdbx_atcc                  ? 
_entity_src_nat.pdbx_cellular_location     ? 
_entity_src_nat.pdbx_organ                 ? 
_entity_src_nat.pdbx_organelle             ? 
_entity_src_nat.pdbx_cell                  ? 
_entity_src_nat.pdbx_plasmid_name          ? 
_entity_src_nat.pdbx_plasmid_details       ? 
_entity_src_nat.details                    'whole extract' 
# 
loop_
_chem_comp.id 
_chem_comp.type 
_chem_comp.mon_nstd_flag 
_chem_comp.name 
_chem_comp.pdbx_synonyms 
_chem_comp.formula 
_chem_comp.formula_weight 
ALA 'L-peptide linking' y ALANINE             ? 'C3 H7 N O2'   89.093  
ASN 'L-peptide linking' y ASPARAGINE          ? 'C4 H8 N2 O3'  132.118 
ASP 'L-peptide linking' y 'ASPARTIC ACID'     ? 'C4 H7 N O4'   133.103 
CYS 'L-peptide linking' y CYSTEINE            ? 'C3 H7 N O2 S' 121.158 
GLN 'L-peptide linking' y GLUTAMINE           ? 'C5 H10 N2 O3' 146.144 
GLU 'L-peptide linking' y 'GLUTAMIC ACID'     ? 'C5 H9 N O4'   147.129 
GLY 'peptide linking'   y GLYCINE             ? 'C2 H5 N O2'   75.067  
HOH non-polymer         . WATER               ? 'H2 O'         18.015  
ILE 'L-peptide linking' y ISOLEUCINE          ? 'C6 H13 N O2'  131.173 
LEU 'L-peptide linking' y LEUCINE             ? 'C6 H13 N O2'  131.173 
MOH non-polymer         . METHANOL            ? 'C H4 O'       32.042  
PCA 'L-peptide linking' n 'PYROGLUTAMIC ACID' ? 'C5 H7 N O3'   129.114 
PHE 'L-peptide linking' y PHENYLALANINE       ? 'C9 H11 N O2'  165.189 
PRO 'L-peptide linking' y PROLINE             ? 'C5 H9 N O2'   115.130 
SER 'L-peptide linking' y SERINE              ? 'C3 H7 N O3'   105.093 
THR 'L-peptide linking' y THREONINE           ? 'C4 H9 N O3'   119.119 
TYR 'L-peptide linking' y TYROSINE            ? 'C9 H11 N O3'  181.189 
VAL 'L-peptide linking' y VALINE              ? 'C5 H11 N O2'  117.146 
# 
loop_
_pdbx_poly_seq_scheme.asym_id 
_pdbx_poly_seq_scheme.entity_id 
_pdbx_poly_seq_scheme.seq_id 
_pdbx_poly_seq_scheme.mon_id 
_pdbx_poly_seq_scheme.ndb_seq_num 
_pdbx_poly_seq_scheme.pdb_seq_num 
_pdbx_poly_seq_scheme.auth_seq_num 
_pdbx_poly_seq_scheme.pdb_mon_id 
_pdbx_poly_seq_scheme.auth_mon_id 
_pdbx_poly_seq_scheme.pdb_strand_id 
_pdbx_poly_seq_scheme.pdb_ins_code 
_pdbx_poly_seq_scheme.hetero 
A 1 1  PCA 1  1  1  PCA PCA A . n 
A 1 2  GLY 2  2  2  GLY GLY A . n 
A 1 3  CYS 3  3  3  CYS CYS A . n 
A 1 4  ALA 4  4  4  ALA ALA A . n 
A 1 5  PHE 5  5  5  PHE PHE A . n 
A 1 6  GLU 6  6  6  GLU GLU A . n 
A 1 7  GLY 7  7  7  GLY GLY A . n 
A 1 8  GLU 8  8  8  GLU GLU A . n 
A 1 9  SER 9  9  9  SER SER A . n 
A 1 10 CYS 10 10 10 CYS CYS A . n 
A 1 11 ASN 11 11 11 ASN ASN A . n 
A 1 12 VAL 12 12 12 VAL VAL A . n 
A 1 13 GLN 13 13 13 GLN GLN A . n 
A 1 14 PHE 14 14 14 PHE PHE A . n 
A 1 15 TYR 15 15 15 TYR TYR A . n 
A 1 16 PRO 16 16 16 PRO PRO A . n 
A 1 17 CYS 17 17 17 CYS CYS A . n 
A 1 18 CYS 18 18 18 CYS CYS A . n 
A 1 19 PRO 19 19 19 PRO PRO A . n 
A 1 20 GLY 20 20 20 GLY GLY A . n 
A 1 21 LEU 21 21 21 LEU LEU A . n 
A 1 22 GLY 22 22 22 GLY GLY A . n 
A 1 23 LEU 23 23 23 LEU LEU A . n 
A 1 24 THR 24 24 24 THR THR A . n 
A 1 25 CYS 25 25 25 CYS CYS A . n 
A 1 26 ILE 26 26 26 ILE ILE A . n 
A 1 27 PRO 27 27 27 PRO PRO A . n 
A 1 28 GLY 28 28 28 GLY GLY A . n 
A 1 29 ASN 29 29 29 ASN ASN A . n 
A 1 30 PRO 30 30 30 PRO PRO A . n 
A 1 31 ASP 31 31 31 ASP ASP A . n 
A 1 32 GLY 32 32 32 GLY GLY A . n 
A 1 33 THR 33 33 33 THR THR A . n 
A 1 34 CYS 34 34 34 CYS CYS A . n 
A 1 35 TYR 35 35 35 TYR TYR A . n 
A 1 36 TYR 36 36 36 TYR TYR A . n 
A 1 37 LEU 37 37 37 LEU LEU A . n 
# 
loop_
_pdbx_nonpoly_scheme.asym_id 
_pdbx_nonpoly_scheme.entity_id 
_pdbx_nonpoly_scheme.mon_id 
_pdbx_nonpoly_scheme.ndb_seq_num 
_pdbx_nonpoly_scheme.pdb_seq_num 
_pdbx_nonpoly_scheme.auth_seq_num 
_pdbx_nonpoly_scheme.pdb_mon_id 
_pdbx_nonpoly_scheme.auth_mon_id 
_pdbx_nonpoly_scheme.pdb_strand_id 
_pdbx_nonpoly_scheme.pdb_ins_code 
B 2 MOH 1  1001 1001 MOH MOH A . 
C 2 MOH 1  1002 1002 MOH MOH A . 
D 2 MOH 1  1003 1003 MOH MOH A . 
E 2 MOH 1  1004 1004 MOH MOH A . 
F 2 MOH 1  1005 1005 MOH MOH A . 
G 2 MOH 1  1006 1006 MOH MOH A . 
H 2 MOH 1  1007 1007 MOH MOH A . 
I 2 MOH 1  1008 1008 MOH MOH A . 
J 2 MOH 1  1009 1009 MOH MOH A . 
K 2 MOH 1  1010 1010 MOH MOH A . 
L 2 MOH 1  1011 1011 MOH MOH A . 
M 3 HOH 1  101  101  HOH HOH A . 
M 3 HOH 2  102  102  HOH HOH A . 
M 3 HOH 3  103  103  HOH HOH A . 
M 3 HOH 4  104  104  HOH HOH A . 
M 3 HOH 5  105  105  HOH HOH A . 
M 3 HOH 6  106  106  HOH HOH A . 
M 3 HOH 7  107  107  HOH HOH A . 
M 3 HOH 8  108  108  HOH HOH A . 
M 3 HOH 9  109  109  HOH HOH A . 
M 3 HOH 10 110  110  HOH HOH A . 
# 
loop_
_software.pdbx_ordinal 
_software.name 
_software.version 
_software.date 
_software.type 
_software.contact_author 
_software.contact_author_email 
_software.classification 
_software.location 
_software.language 
_software.citation_id 
1 SHELX       .    ?               package 'George M. Sheldrick' gsheldr@shelx.uni-ac.gwdg.de refinement        
http://shelx.uni-ac.gwdg.de/SHELX/        Fortran_77 ? 
2 PDB_EXTRACT 3.10 'June 10, 2010' package PDB                   deposit@deposit.rcsb.org     'data extraction' 
http://sw-tools.pdb.org/apps/PDB_EXTRACT/ C++        ? 
3 SHELXL      .    ?               ?       ?                     ?                            refinement        ? ?          ? 
4 SHELXL-97   .    ?               ?       ?                     ?                            refinement        ? ?          ? 
# 
_cell.entry_id           3Q8J 
_cell.length_a           14.8028 
_cell.length_b           18.5573 
_cell.length_c           24.1784 
_cell.angle_alpha        83.19 
_cell.angle_beta         84.10 
_cell.angle_gamma        68.04 
_cell.Z_PDB              1 
_cell.pdbx_unique_axis   ? 
_cell.length_a_esd       ? 
_cell.length_b_esd       ? 
_cell.length_c_esd       ? 
_cell.angle_alpha_esd    ? 
_cell.angle_beta_esd     ? 
_cell.angle_gamma_esd    ? 
# 
_symmetry.entry_id                         3Q8J 
_symmetry.space_group_name_H-M             'P 1' 
_symmetry.pdbx_full_space_group_name_H-M   ? 
_symmetry.cell_setting                     ? 
_symmetry.Int_Tables_number                1 
_symmetry.space_group_name_Hall            ? 
# 
_exptl.entry_id          3Q8J 
_exptl.method            'X-RAY DIFFRACTION' 
_exptl.crystals_number   1 
# 
_exptl_crystal.id                    1 
_exptl_crystal.density_meas          ? 
_exptl_crystal.density_Matthews      1.5634 
_exptl_crystal.density_percent_sol   21.3237 
_exptl_crystal.description           ? 
_exptl_crystal.F_000                 ? 
_exptl_crystal.preparation           ? 
# 
_exptl_crystal_grow.crystal_id      1 
_exptl_crystal_grow.method          ? 
_exptl_crystal_grow.temp            295 
_exptl_crystal_grow.temp_details    ? 
_exptl_crystal_grow.pH              ? 
_exptl_crystal_grow.pdbx_pH_range   ? 
_exptl_crystal_grow.pdbx_details    'CD3OH-H2O, NMR tube, temperature 295K' 
# 
_diffrn.id                     1 
_diffrn.ambient_temp           90.0 
_diffrn.ambient_temp_details   ? 
_diffrn.crystal_id             1 
# 
_diffrn_detector.diffrn_id              1 
_diffrn_detector.detector               CCD 
_diffrn_detector.type                   'APEX II CCD' 
_diffrn_detector.pdbx_collection_date   2010-11-05 
_diffrn_detector.details                'MiraCol capillary optic' 
# 
_diffrn_radiation.diffrn_id                        1 
_diffrn_radiation.wavelength_id                    1 
_diffrn_radiation.pdbx_monochromatic_or_laue_m_l   M 
_diffrn_radiation.monochromator                    'Graphite (002)' 
_diffrn_radiation.pdbx_diffrn_protocol             '\f and \w scans' 
_diffrn_radiation.pdbx_scattering_type             x-ray 
# 
_diffrn_radiation_wavelength.id           1 
_diffrn_radiation_wavelength.wavelength   1.54178 
_diffrn_radiation_wavelength.wt           1.0 
# 
_diffrn_source.diffrn_id                   1 
_diffrn_source.source                      'SEALED TUBE' 
_diffrn_source.type                        OTHER 
_diffrn_source.pdbx_synchrotron_site       ? 
_diffrn_source.pdbx_synchrotron_beamline   ? 
_diffrn_source.pdbx_wavelength             ? 
_diffrn_source.pdbx_wavelength_list        1.54178 
# 
_reflns.entry_id                     3Q8J 
_reflns.observed_criterion_sigma_I   ? 
_reflns.observed_criterion_sigma_F   ? 
_reflns.d_resolution_low             17.15 
_reflns.d_resolution_high            0.87 
_reflns.number_obs                   27756 
_reflns.number_all                   ? 
_reflns.percent_possible_obs         97.7 
_reflns.pdbx_Rmerge_I_obs            0.048 
_reflns.pdbx_Rsym_value              ? 
_reflns.pdbx_netI_over_sigmaI        11.68 
_reflns.B_iso_Wilson_estimate        ? 
_reflns.pdbx_redundancy              2.41 
_reflns.R_free_details               ? 
_reflns.limit_h_max                  ? 
_reflns.limit_h_min                  ? 
_reflns.limit_k_max                  ? 
_reflns.limit_k_min                  ? 
_reflns.limit_l_max                  ? 
_reflns.limit_l_min                  ? 
_reflns.observed_criterion_F_max     ? 
_reflns.observed_criterion_F_min     ? 
_reflns.pdbx_chi_squared             ? 
_reflns.pdbx_scaling_rejects         ? 
_reflns.pdbx_ordinal                 1 
_reflns.pdbx_diffrn_id               1 
# 
_reflns_shell.d_res_high             0.87 
_reflns_shell.d_res_low              0.97 
_reflns_shell.percent_possible_all   60.5 
_reflns_shell.Rmerge_I_obs           0.157 
_reflns_shell.pdbx_Rsym_value        ? 
_reflns_shell.meanI_over_sigI_obs    4.40 
_reflns_shell.pdbx_redundancy        1.00 
_reflns_shell.percent_possible_obs   ? 
_reflns_shell.number_unique_all      ? 
_reflns_shell.number_measured_all    ? 
_reflns_shell.number_measured_obs    ? 
_reflns_shell.number_unique_obs      ? 
_reflns_shell.pdbx_chi_squared       ? 
_reflns_shell.pdbx_ordinal           1 
_reflns_shell.pdbx_diffrn_id         1 
# 
_refine.pdbx_refine_id                           'X-RAY DIFFRACTION' 
_refine.entry_id                                 3Q8J 
_refine.ls_number_reflns_obs                     23213 
_refine.ls_number_reflns_all                     27756 
_refine.pdbx_ls_sigma_I                          ? 
_refine.pdbx_ls_sigma_F                          0.0 
_refine.pdbx_data_cutoff_high_absF               ? 
_refine.pdbx_data_cutoff_low_absF                ? 
_refine.pdbx_data_cutoff_high_rms_absF           ? 
_refine.ls_d_res_low                             17.15 
_refine.ls_d_res_high                            0.87 
_refine.ls_percent_reflns_obs                    100.0 
_refine.ls_R_factor_obs                          ? 
_refine.ls_R_factor_all                          0.0926 
_refine.ls_R_factor_R_work                       ? 
_refine.ls_R_factor_R_free                       ? 
_refine.ls_R_factor_R_free_error                 ? 
_refine.ls_R_factor_R_free_error_details         ? 
_refine.ls_percent_reflns_R_free                 ? 
_refine.ls_number_reflns_R_free                  ? 
_refine.ls_number_parameters                     2725 
_refine.ls_number_restraints                     6 
_refine.occupancy_min                            1.000 
_refine.occupancy_max                            1.000 
_refine.correlation_coeff_Fo_to_Fc               ? 
_refine.correlation_coeff_Fo_to_Fc_free          ? 
_refine.B_iso_mean                               6.2214 
_refine.aniso_B[1][1]                            ? 
_refine.aniso_B[2][2]                            ? 
_refine.aniso_B[3][3]                            ? 
_refine.aniso_B[1][2]                            ? 
_refine.aniso_B[1][3]                            ? 
_refine.aniso_B[2][3]                            ? 
_refine.solvent_model_details                    ? 
_refine.solvent_model_param_ksol                 ? 
_refine.solvent_model_param_bsol                 ? 
_refine.pdbx_solvent_vdw_probe_radii             ? 
_refine.pdbx_solvent_ion_probe_radii             ? 
_refine.pdbx_solvent_shrinkage_radii             ? 
_refine.pdbx_ls_cross_valid_method               'FREE R' 
_refine.details                                  
;1. Patterson to locate S atoms;  
2. The sf file contains Friedel pairs.
;
_refine.pdbx_starting_model                      ? 
_refine.pdbx_method_to_determine_struct          ? 
_refine.pdbx_isotropic_thermal_model             ? 
_refine.pdbx_stereochemistry_target_values       'Engh & Huber' 
_refine.pdbx_stereochem_target_val_spec_case     ? 
_refine.pdbx_R_Free_selection_details            RANDOM 
_refine.pdbx_overall_ESU_R_Free                  ? 
_refine.overall_SU_ML                            ? 
_refine.pdbx_overall_phase_error                 ? 
_refine.overall_SU_B                             ? 
_refine.overall_SU_R_Cruickshank_DPI             ? 
_refine.pdbx_overall_SU_R_free_Cruickshank_DPI   ? 
_refine.pdbx_overall_SU_R_Blow_DPI               ? 
_refine.pdbx_overall_SU_R_free_Blow_DPI          ? 
_refine.ls_redundancy_reflns_obs                 ? 
_refine.B_iso_min                                ? 
_refine.B_iso_max                                ? 
_refine.overall_SU_R_free                        ? 
_refine.ls_wR_factor_R_free                      ? 
_refine.ls_wR_factor_R_work                      ? 
_refine.overall_FOM_free_R_set                   ? 
_refine.overall_FOM_work_R_set                   ? 
_refine.pdbx_overall_ESU_R                       ? 
_refine.pdbx_diffrn_id                           1 
_refine.pdbx_TLS_residual_ADP_flag               ? 
# 
_refine_analyze.pdbx_refine_id                  'X-RAY DIFFRACTION' 
_refine_analyze.entry_id                        3Q8J 
_refine_analyze.Luzzati_coordinate_error_obs    ? 
_refine_analyze.Luzzati_sigma_a_obs             ? 
_refine_analyze.Luzzati_d_res_low_obs           ? 
_refine_analyze.Luzzati_coordinate_error_free   ? 
_refine_analyze.Luzzati_sigma_a_free            ? 
_refine_analyze.Luzzati_d_res_low_free          ? 
_refine_analyze.number_disordered_residues      0 
_refine_analyze.occupancy_sum_hydrogen          238.00 
_refine_analyze.occupancy_sum_non_hydrogen      302.00 
_refine_analyze.pdbx_Luzzati_d_res_high_obs     ? 
# 
_refine_hist.pdbx_refine_id                   'X-RAY DIFFRACTION' 
_refine_hist.cycle_id                         LAST 
_refine_hist.pdbx_number_atoms_protein        270 
_refine_hist.pdbx_number_atoms_nucleic_acid   0 
_refine_hist.pdbx_number_atoms_ligand         22 
_refine_hist.number_atoms_solvent             10 
_refine_hist.number_atoms_total               302 
_refine_hist.d_res_high                       0.87 
_refine_hist.d_res_low                        17.15 
# 
loop_
_refine_ls_restr.type 
_refine_ls_restr.dev_ideal 
_refine_ls_restr.dev_ideal_target 
_refine_ls_restr.weight 
_refine_ls_restr.number 
_refine_ls_restr.pdbx_refine_id 
_refine_ls_restr.pdbx_restraint_function 
s_bond_d               0.000  ? ? ? 'X-RAY DIFFRACTION' ? 
s_angle_d              0.000  ? ? ? 'X-RAY DIFFRACTION' ? 
s_similar_dist         0.000  ? ? ? 'X-RAY DIFFRACTION' ? 
s_from_restr_planes    0.0232 ? ? ? 'X-RAY DIFFRACTION' ? 
s_zero_chiral_vol      0.000  ? ? ? 'X-RAY DIFFRACTION' ? 
s_non_zero_chiral_vol  0.000  ? ? ? 'X-RAY DIFFRACTION' ? 
s_anti_bump_dis_restr  0.000  ? ? ? 'X-RAY DIFFRACTION' ? 
s_rigid_bond_adp_cmpnt 0.000  ? ? ? 'X-RAY DIFFRACTION' ? 
s_similar_adp_cmpnt    0.000  ? ? ? 'X-RAY DIFFRACTION' ? 
s_approx_iso_adps      0.000  ? ? ? 'X-RAY DIFFRACTION' ? 
# 
_pdbx_refine.pdbx_refine_id                              'X-RAY DIFFRACTION' 
_pdbx_refine.entry_id                                    3Q8J 
_pdbx_refine.R_factor_all_no_cutoff                      0.0926 
_pdbx_refine.R_factor_obs_no_cutoff                      ? 
_pdbx_refine.free_R_factor_no_cutoff                     ? 
_pdbx_refine.free_R_error_no_cutoff                      ? 
_pdbx_refine.free_R_val_test_set_size_perc_no_cutoff     ? 
_pdbx_refine.free_R_val_test_set_ct_no_cutoff            ? 
_pdbx_refine.R_factor_all_4sig_cutoff                    0.0795 
_pdbx_refine.R_factor_obs_4sig_cutoff                    ? 
_pdbx_refine.free_R_factor_4sig_cutoff                   ? 
_pdbx_refine.free_R_val_test_set_size_perc_4sig_cutoff   ? 
_pdbx_refine.free_R_val_test_set_ct_4sig_cutoff          ? 
_pdbx_refine.number_reflns_obs_4sig_cutoff               23213 
# 
_struct.entry_id                  3Q8J 
_struct.title                     'Crystal Structure of Asteropsin A from Marine Sponge Asteropus sp.' 
_struct.pdbx_model_details        ? 
_struct.pdbx_CASP_flag            ? 
_struct.pdbx_model_type_details   ? 
# 
_struct_keywords.entry_id        3Q8J 
_struct_keywords.text            'cystine knot, marine sponge, MARINE KNOTTIN, TOXIN' 
_struct_keywords.pdbx_keywords   TOXIN 
# 
loop_
_struct_asym.id 
_struct_asym.pdbx_blank_PDB_chainid_flag 
_struct_asym.pdbx_modified 
_struct_asym.entity_id 
_struct_asym.details 
A N N 1 ? 
B N N 2 ? 
C N N 2 ? 
D N N 2 ? 
E N N 2 ? 
F N N 2 ? 
G N N 2 ? 
H N N 2 ? 
I N N 2 ? 
J N N 2 ? 
K N N 2 ? 
L N N 2 ? 
M N N 3 ? 
# 
_struct_ref.id                         1 
_struct_ref.db_name                    UNP 
_struct_ref.db_code                    I1SB10_9METZ 
_struct_ref.pdbx_db_accession          I1SB10 
_struct_ref.entity_id                  1 
_struct_ref.pdbx_align_begin           1 
_struct_ref.pdbx_seq_one_letter_code   EGCAFEGESCNVQFYPCCPGLGLTCIPGNPDGTCYYL 
_struct_ref.pdbx_db_isoform            ? 
# 
_struct_ref_seq.align_id                      1 
_struct_ref_seq.ref_id                        1 
_struct_ref_seq.pdbx_PDB_id_code              3Q8J 
_struct_ref_seq.pdbx_strand_id                A 
_struct_ref_seq.seq_align_beg                 1 
_struct_ref_seq.pdbx_seq_align_beg_ins_code   ? 
_struct_ref_seq.seq_align_end                 37 
_struct_ref_seq.pdbx_seq_align_end_ins_code   ? 
_struct_ref_seq.pdbx_db_accession             I1SB10 
_struct_ref_seq.db_align_beg                  1 
_struct_ref_seq.pdbx_db_align_beg_ins_code    ? 
_struct_ref_seq.db_align_end                  37 
_struct_ref_seq.pdbx_db_align_end_ins_code    ? 
_struct_ref_seq.pdbx_auth_seq_align_beg       1 
_struct_ref_seq.pdbx_auth_seq_align_end       37 
# 
_pdbx_struct_assembly.id                   1 
_pdbx_struct_assembly.details              author_and_software_defined_assembly 
_pdbx_struct_assembly.method_details       PISA 
_pdbx_struct_assembly.oligomeric_details   monomeric 
_pdbx_struct_assembly.oligomeric_count     1 
# 
_pdbx_struct_assembly_gen.assembly_id       1 
_pdbx_struct_assembly_gen.oper_expression   1 
_pdbx_struct_assembly_gen.asym_id_list      A,B,C,D,E,F,G,H,I,J,K,L,M 
# 
_pdbx_struct_oper_list.id                   1 
_pdbx_struct_oper_list.type                 'identity operation' 
_pdbx_struct_oper_list.name                 1_555 
_pdbx_struct_oper_list.symmetry_operation   x,y,z 
_pdbx_struct_oper_list.matrix[1][1]         1.0000000000 
_pdbx_struct_oper_list.matrix[1][2]         0.0000000000 
_pdbx_struct_oper_list.matrix[1][3]         0.0000000000 
_pdbx_struct_oper_list.vector[1]            0.0000000000 
_pdbx_struct_oper_list.matrix[2][1]         0.0000000000 
_pdbx_struct_oper_list.matrix[2][2]         1.0000000000 
_pdbx_struct_oper_list.matrix[2][3]         0.0000000000 
_pdbx_struct_oper_list.vector[2]            0.0000000000 
_pdbx_struct_oper_list.matrix[3][1]         0.0000000000 
_pdbx_struct_oper_list.matrix[3][2]         0.0000000000 
_pdbx_struct_oper_list.matrix[3][3]         1.0000000000 
_pdbx_struct_oper_list.vector[3]            0.0000000000 
# 
_struct_biol.id        1 
_struct_biol.details   ? 
# 
loop_
_struct_conn.id 
_struct_conn.conn_type_id 
_struct_conn.pdbx_leaving_atom_flag 
_struct_conn.pdbx_PDB_id 
_struct_conn.ptnr1_label_asym_id 
_struct_conn.ptnr1_label_comp_id 
_struct_conn.ptnr1_label_seq_id 
_struct_conn.ptnr1_label_atom_id 
_struct_conn.pdbx_ptnr1_label_alt_id 
_struct_conn.pdbx_ptnr1_PDB_ins_code 
_struct_conn.pdbx_ptnr1_standard_comp_id 
_struct_conn.ptnr1_symmetry 
_struct_conn.ptnr2_label_asym_id 
_struct_conn.ptnr2_label_comp_id 
_struct_conn.ptnr2_label_seq_id 
_struct_conn.ptnr2_label_atom_id 
_struct_conn.pdbx_ptnr2_label_alt_id 
_struct_conn.pdbx_ptnr2_PDB_ins_code 
_struct_conn.ptnr1_auth_asym_id 
_struct_conn.ptnr1_auth_comp_id 
_struct_conn.ptnr1_auth_seq_id 
_struct_conn.ptnr2_auth_asym_id 
_struct_conn.ptnr2_auth_comp_id 
_struct_conn.ptnr2_auth_seq_id 
_struct_conn.ptnr2_symmetry 
_struct_conn.pdbx_ptnr3_label_atom_id 
_struct_conn.pdbx_ptnr3_label_seq_id 
_struct_conn.pdbx_ptnr3_label_comp_id 
_struct_conn.pdbx_ptnr3_label_asym_id 
_struct_conn.pdbx_ptnr3_label_alt_id 
_struct_conn.pdbx_ptnr3_PDB_ins_code 
_struct_conn.details 
_struct_conn.pdbx_dist_value 
_struct_conn.pdbx_value_order 
_struct_conn.pdbx_role 
disulf1 disulf ?    ? A CYS 3  SG ? ? ? 1_555 A CYS 18 SG ? ? A CYS 3  A CYS 18 1_555 ? ? ? ? ? ? ? 2.030 ? ? 
disulf2 disulf ?    ? A CYS 10 SG ? ? ? 1_555 A CYS 25 SG ? ? A CYS 10 A CYS 25 1_555 ? ? ? ? ? ? ? 2.043 ? ? 
disulf3 disulf ?    ? A CYS 17 SG ? ? ? 1_555 A CYS 34 SG ? ? A CYS 17 A CYS 34 1_555 ? ? ? ? ? ? ? 2.047 ? ? 
covale1 covale both ? A PCA 1  C  ? ? ? 1_555 A GLY 2  N  ? ? A PCA 1  A GLY 2  1_555 ? ? ? ? ? ? ? 1.330 ? ? 
# 
loop_
_struct_conn_type.id 
_struct_conn_type.criteria 
_struct_conn_type.reference 
disulf ? ? 
covale ? ? 
# 
loop_
_pdbx_modification_feature.ordinal 
_pdbx_modification_feature.label_comp_id 
_pdbx_modification_feature.label_asym_id 
_pdbx_modification_feature.label_seq_id 
_pdbx_modification_feature.label_alt_id 
_pdbx_modification_feature.modified_residue_label_comp_id 
_pdbx_modification_feature.modified_residue_label_asym_id 
_pdbx_modification_feature.modified_residue_label_seq_id 
_pdbx_modification_feature.modified_residue_label_alt_id 
_pdbx_modification_feature.auth_comp_id 
_pdbx_modification_feature.auth_asym_id 
_pdbx_modification_feature.auth_seq_id 
_pdbx_modification_feature.PDB_ins_code 
_pdbx_modification_feature.symmetry 
_pdbx_modification_feature.modified_residue_auth_comp_id 
_pdbx_modification_feature.modified_residue_auth_asym_id 
_pdbx_modification_feature.modified_residue_auth_seq_id 
_pdbx_modification_feature.modified_residue_PDB_ins_code 
_pdbx_modification_feature.modified_residue_symmetry 
_pdbx_modification_feature.comp_id_linking_atom 
_pdbx_modification_feature.modified_residue_id_linking_atom 
_pdbx_modification_feature.modified_residue_id 
_pdbx_modification_feature.ref_pcm_id 
_pdbx_modification_feature.ref_comp_id 
_pdbx_modification_feature.type 
_pdbx_modification_feature.category 
1 PCA A 1  ? .   . .  . PCA A 1  ? 1_555 .   . .  . .     .  .  GLN 1 PCA 'Pyrrolidone carboxylic acid' 
'Named protein modification' 
2 CYS A 3  ? CYS A 18 ? CYS A 3  ? 1_555 CYS A 18 ? 1_555 SG SG .   . .   None                          'Disulfide bridge' 
3 CYS A 10 ? CYS A 25 ? CYS A 10 ? 1_555 CYS A 25 ? 1_555 SG SG .   . .   None                          'Disulfide bridge' 
4 CYS A 17 ? CYS A 34 ? CYS A 17 ? 1_555 CYS A 34 ? 1_555 SG SG .   . .   None                          'Disulfide bridge' 
# 
loop_
_struct_mon_prot_cis.pdbx_id 
_struct_mon_prot_cis.label_comp_id 
_struct_mon_prot_cis.label_seq_id 
_struct_mon_prot_cis.label_asym_id 
_struct_mon_prot_cis.label_alt_id 
_struct_mon_prot_cis.pdbx_PDB_ins_code 
_struct_mon_prot_cis.auth_comp_id 
_struct_mon_prot_cis.auth_seq_id 
_struct_mon_prot_cis.auth_asym_id 
_struct_mon_prot_cis.pdbx_label_comp_id_2 
_struct_mon_prot_cis.pdbx_label_seq_id_2 
_struct_mon_prot_cis.pdbx_label_asym_id_2 
_struct_mon_prot_cis.pdbx_PDB_ins_code_2 
_struct_mon_prot_cis.pdbx_auth_comp_id_2 
_struct_mon_prot_cis.pdbx_auth_seq_id_2 
_struct_mon_prot_cis.pdbx_auth_asym_id_2 
_struct_mon_prot_cis.pdbx_PDB_model_num 
_struct_mon_prot_cis.pdbx_omega_angle 
1 ILE 26 A . ? ILE 26 A PRO 27 A ? PRO 27 A 1 -2.40 
2 ASN 29 A . ? ASN 29 A PRO 30 A ? PRO 30 A 1 8.56  
# 
_struct_sheet.id               A 
_struct_sheet.type             ? 
_struct_sheet.number_strands   3 
_struct_sheet.details          ? 
# 
loop_
_struct_sheet_order.sheet_id 
_struct_sheet_order.range_id_1 
_struct_sheet_order.range_id_2 
_struct_sheet_order.offset 
_struct_sheet_order.sense 
A 1 2 ? anti-parallel 
A 2 3 ? anti-parallel 
# 
loop_
_struct_sheet_range.sheet_id 
_struct_sheet_range.id 
_struct_sheet_range.beg_label_comp_id 
_struct_sheet_range.beg_label_asym_id 
_struct_sheet_range.beg_label_seq_id 
_struct_sheet_range.pdbx_beg_PDB_ins_code 
_struct_sheet_range.end_label_comp_id 
_struct_sheet_range.end_label_asym_id 
_struct_sheet_range.end_label_seq_id 
_struct_sheet_range.pdbx_end_PDB_ins_code 
_struct_sheet_range.beg_auth_comp_id 
_struct_sheet_range.beg_auth_asym_id 
_struct_sheet_range.beg_auth_seq_id 
_struct_sheet_range.end_auth_comp_id 
_struct_sheet_range.end_auth_asym_id 
_struct_sheet_range.end_auth_seq_id 
A 1 SER A 9  ? ASN A 11 ? SER A 9  ASN A 11 
A 2 ASP A 31 ? TYR A 36 ? ASP A 31 TYR A 36 
A 3 LEU A 23 ? PRO A 27 ? LEU A 23 PRO A 27 
# 
loop_
_pdbx_struct_sheet_hbond.sheet_id 
_pdbx_struct_sheet_hbond.range_id_1 
_pdbx_struct_sheet_hbond.range_id_2 
_pdbx_struct_sheet_hbond.range_1_label_atom_id 
_pdbx_struct_sheet_hbond.range_1_label_comp_id 
_pdbx_struct_sheet_hbond.range_1_label_asym_id 
_pdbx_struct_sheet_hbond.range_1_label_seq_id 
_pdbx_struct_sheet_hbond.range_1_PDB_ins_code 
_pdbx_struct_sheet_hbond.range_1_auth_atom_id 
_pdbx_struct_sheet_hbond.range_1_auth_comp_id 
_pdbx_struct_sheet_hbond.range_1_auth_asym_id 
_pdbx_struct_sheet_hbond.range_1_auth_seq_id 
_pdbx_struct_sheet_hbond.range_2_label_atom_id 
_pdbx_struct_sheet_hbond.range_2_label_comp_id 
_pdbx_struct_sheet_hbond.range_2_label_asym_id 
_pdbx_struct_sheet_hbond.range_2_label_seq_id 
_pdbx_struct_sheet_hbond.range_2_PDB_ins_code 
_pdbx_struct_sheet_hbond.range_2_auth_atom_id 
_pdbx_struct_sheet_hbond.range_2_auth_comp_id 
_pdbx_struct_sheet_hbond.range_2_auth_asym_id 
_pdbx_struct_sheet_hbond.range_2_auth_seq_id 
A 1 2 N CYS A 10 ? N CYS A 10 O GLY A 32 ? O GLY A 32 
A 2 3 O TYR A 35 ? O TYR A 35 N THR A 24 ? N THR A 24 
# 
_pdbx_entry_details.entry_id                   3Q8J 
_pdbx_entry_details.compound_details           ? 
_pdbx_entry_details.source_details             ? 
_pdbx_entry_details.nonpolymer_details         ? 
_pdbx_entry_details.sequence_details           ? 
_pdbx_entry_details.has_ligand_of_interest     ? 
_pdbx_entry_details.has_protein_modification   Y 
# 
loop_
_pdbx_validate_rmsd_angle.id 
_pdbx_validate_rmsd_angle.PDB_model_num 
_pdbx_validate_rmsd_angle.auth_atom_id_1 
_pdbx_validate_rmsd_angle.auth_asym_id_1 
_pdbx_validate_rmsd_angle.auth_comp_id_1 
_pdbx_validate_rmsd_angle.auth_seq_id_1 
_pdbx_validate_rmsd_angle.PDB_ins_code_1 
_pdbx_validate_rmsd_angle.label_alt_id_1 
_pdbx_validate_rmsd_angle.auth_atom_id_2 
_pdbx_validate_rmsd_angle.auth_asym_id_2 
_pdbx_validate_rmsd_angle.auth_comp_id_2 
_pdbx_validate_rmsd_angle.auth_seq_id_2 
_pdbx_validate_rmsd_angle.PDB_ins_code_2 
_pdbx_validate_rmsd_angle.label_alt_id_2 
_pdbx_validate_rmsd_angle.auth_atom_id_3 
_pdbx_validate_rmsd_angle.auth_asym_id_3 
_pdbx_validate_rmsd_angle.auth_comp_id_3 
_pdbx_validate_rmsd_angle.auth_seq_id_3 
_pdbx_validate_rmsd_angle.PDB_ins_code_3 
_pdbx_validate_rmsd_angle.label_alt_id_3 
_pdbx_validate_rmsd_angle.angle_value 
_pdbx_validate_rmsd_angle.angle_target_value 
_pdbx_validate_rmsd_angle.angle_deviation 
_pdbx_validate_rmsd_angle.angle_standard_deviation 
_pdbx_validate_rmsd_angle.linker_flag 
1 1 CB A TYR 15 ? ? CG A TYR 15 ? ? CD2 A TYR 15 ? ? 116.88 121.00 -4.12 0.60 N 
2 1 CB A ASP 31 ? ? CG A ASP 31 ? ? OD1 A ASP 31 ? ? 124.99 118.30 6.69  0.90 N 
3 1 CB A ASP 31 ? ? CG A ASP 31 ? ? OD2 A ASP 31 ? ? 112.05 118.30 -6.25 0.90 N 
# 
_pdbx_struct_mod_residue.id               1 
_pdbx_struct_mod_residue.label_asym_id    A 
_pdbx_struct_mod_residue.label_comp_id    PCA 
_pdbx_struct_mod_residue.label_seq_id     1 
_pdbx_struct_mod_residue.auth_asym_id     A 
_pdbx_struct_mod_residue.auth_comp_id     PCA 
_pdbx_struct_mod_residue.auth_seq_id      1 
_pdbx_struct_mod_residue.PDB_ins_code     ? 
_pdbx_struct_mod_residue.parent_comp_id   GLN 
_pdbx_struct_mod_residue.details          'PYROGLUTAMIC ACID' 
# 
loop_
_chem_comp_atom.comp_id 
_chem_comp_atom.atom_id 
_chem_comp_atom.type_symbol 
_chem_comp_atom.pdbx_aromatic_flag 
_chem_comp_atom.pdbx_stereo_config 
_chem_comp_atom.pdbx_ordinal 
ALA N    N N N 1   
ALA CA   C N S 2   
ALA C    C N N 3   
ALA O    O N N 4   
ALA CB   C N N 5   
ALA OXT  O N N 6   
ALA H    H N N 7   
ALA H2   H N N 8   
ALA HA   H N N 9   
ALA HB1  H N N 10  
ALA HB2  H N N 11  
ALA HB3  H N N 12  
ALA HXT  H N N 13  
ASN N    N N N 14  
ASN CA   C N S 15  
ASN C    C N N 16  
ASN O    O N N 17  
ASN CB   C N N 18  
ASN CG   C N N 19  
ASN OD1  O N N 20  
ASN ND2  N N N 21  
ASN OXT  O N N 22  
ASN H    H N N 23  
ASN H2   H N N 24  
ASN HA   H N N 25  
ASN HB2  H N N 26  
ASN HB3  H N N 27  
ASN HD21 H N N 28  
ASN HD22 H N N 29  
ASN HXT  H N N 30  
ASP N    N N N 31  
ASP CA   C N S 32  
ASP C    C N N 33  
ASP O    O N N 34  
ASP CB   C N N 35  
ASP CG   C N N 36  
ASP OD1  O N N 37  
ASP OD2  O N N 38  
ASP OXT  O N N 39  
ASP H    H N N 40  
ASP H2   H N N 41  
ASP HA   H N N 42  
ASP HB2  H N N 43  
ASP HB3  H N N 44  
ASP HD2  H N N 45  
ASP HXT  H N N 46  
CYS N    N N N 47  
CYS CA   C N R 48  
CYS C    C N N 49  
CYS O    O N N 50  
CYS CB   C N N 51  
CYS SG   S N N 52  
CYS OXT  O N N 53  
CYS H    H N N 54  
CYS H2   H N N 55  
CYS HA   H N N 56  
CYS HB2  H N N 57  
CYS HB3  H N N 58  
CYS HG   H N N 59  
CYS HXT  H N N 60  
GLN N    N N N 61  
GLN CA   C N S 62  
GLN C    C N N 63  
GLN O    O N N 64  
GLN CB   C N N 65  
GLN CG   C N N 66  
GLN CD   C N N 67  
GLN OE1  O N N 68  
GLN NE2  N N N 69  
GLN OXT  O N N 70  
GLN H    H N N 71  
GLN H2   H N N 72  
GLN HA   H N N 73  
GLN HB2  H N N 74  
GLN HB3  H N N 75  
GLN HG2  H N N 76  
GLN HG3  H N N 77  
GLN HE21 H N N 78  
GLN HE22 H N N 79  
GLN HXT  H N N 80  
GLU N    N N N 81  
GLU CA   C N S 82  
GLU C    C N N 83  
GLU O    O N N 84  
GLU CB   C N N 85  
GLU CG   C N N 86  
GLU CD   C N N 87  
GLU OE1  O N N 88  
GLU OE2  O N N 89  
GLU OXT  O N N 90  
GLU H    H N N 91  
GLU H2   H N N 92  
GLU HA   H N N 93  
GLU HB2  H N N 94  
GLU HB3  H N N 95  
GLU HG2  H N N 96  
GLU HG3  H N N 97  
GLU HE2  H N N 98  
GLU HXT  H N N 99  
GLY N    N N N 100 
GLY CA   C N N 101 
GLY C    C N N 102 
GLY O    O N N 103 
GLY OXT  O N N 104 
GLY H    H N N 105 
GLY H2   H N N 106 
GLY HA2  H N N 107 
GLY HA3  H N N 108 
GLY HXT  H N N 109 
HOH O    O N N 110 
HOH H1   H N N 111 
HOH H2   H N N 112 
ILE N    N N N 113 
ILE CA   C N S 114 
ILE C    C N N 115 
ILE O    O N N 116 
ILE CB   C N S 117 
ILE CG1  C N N 118 
ILE CG2  C N N 119 
ILE CD1  C N N 120 
ILE OXT  O N N 121 
ILE H    H N N 122 
ILE H2   H N N 123 
ILE HA   H N N 124 
ILE HB   H N N 125 
ILE HG12 H N N 126 
ILE HG13 H N N 127 
ILE HG21 H N N 128 
ILE HG22 H N N 129 
ILE HG23 H N N 130 
ILE HD11 H N N 131 
ILE HD12 H N N 132 
ILE HD13 H N N 133 
ILE HXT  H N N 134 
LEU N    N N N 135 
LEU CA   C N S 136 
LEU C    C N N 137 
LEU O    O N N 138 
LEU CB   C N N 139 
LEU CG   C N N 140 
LEU CD1  C N N 141 
LEU CD2  C N N 142 
LEU OXT  O N N 143 
LEU H    H N N 144 
LEU H2   H N N 145 
LEU HA   H N N 146 
LEU HB2  H N N 147 
LEU HB3  H N N 148 
LEU HG   H N N 149 
LEU HD11 H N N 150 
LEU HD12 H N N 151 
LEU HD13 H N N 152 
LEU HD21 H N N 153 
LEU HD22 H N N 154 
LEU HD23 H N N 155 
LEU HXT  H N N 156 
MOH C    C N N 157 
MOH O    O N N 158 
MOH H1   H N N 159 
MOH H2   H N N 160 
MOH H3   H N N 161 
MOH HO   H N N 162 
PCA N    N N N 163 
PCA CA   C N S 164 
PCA CB   C N N 165 
PCA CG   C N N 166 
PCA CD   C N N 167 
PCA OE   O N N 168 
PCA C    C N N 169 
PCA O    O N N 170 
PCA OXT  O N N 171 
PCA H    H N N 172 
PCA HA   H N N 173 
PCA HB2  H N N 174 
PCA HB3  H N N 175 
PCA HG2  H N N 176 
PCA HG3  H N N 177 
PCA HXT  H N N 178 
PHE N    N N N 179 
PHE CA   C N S 180 
PHE C    C N N 181 
PHE O    O N N 182 
PHE CB   C N N 183 
PHE CG   C Y N 184 
PHE CD1  C Y N 185 
PHE CD2  C Y N 186 
PHE CE1  C Y N 187 
PHE CE2  C Y N 188 
PHE CZ   C Y N 189 
PHE OXT  O N N 190 
PHE H    H N N 191 
PHE H2   H N N 192 
PHE HA   H N N 193 
PHE HB2  H N N 194 
PHE HB3  H N N 195 
PHE HD1  H N N 196 
PHE HD2  H N N 197 
PHE HE1  H N N 198 
PHE HE2  H N N 199 
PHE HZ   H N N 200 
PHE HXT  H N N 201 
PRO N    N N N 202 
PRO CA   C N S 203 
PRO C    C N N 204 
PRO O    O N N 205 
PRO CB   C N N 206 
PRO CG   C N N 207 
PRO CD   C N N 208 
PRO OXT  O N N 209 
PRO H    H N N 210 
PRO HA   H N N 211 
PRO HB2  H N N 212 
PRO HB3  H N N 213 
PRO HG2  H N N 214 
PRO HG3  H N N 215 
PRO HD2  H N N 216 
PRO HD3  H N N 217 
PRO HXT  H N N 218 
SER N    N N N 219 
SER CA   C N S 220 
SER C    C N N 221 
SER O    O N N 222 
SER CB   C N N 223 
SER OG   O N N 224 
SER OXT  O N N 225 
SER H    H N N 226 
SER H2   H N N 227 
SER HA   H N N 228 
SER HB2  H N N 229 
SER HB3  H N N 230 
SER HG   H N N 231 
SER HXT  H N N 232 
THR N    N N N 233 
THR CA   C N S 234 
THR C    C N N 235 
THR O    O N N 236 
THR CB   C N R 237 
THR OG1  O N N 238 
THR CG2  C N N 239 
THR OXT  O N N 240 
THR H    H N N 241 
THR H2   H N N 242 
THR HA   H N N 243 
THR HB   H N N 244 
THR HG1  H N N 245 
THR HG21 H N N 246 
THR HG22 H N N 247 
THR HG23 H N N 248 
THR HXT  H N N 249 
TYR N    N N N 250 
TYR CA   C N S 251 
TYR C    C N N 252 
TYR O    O N N 253 
TYR CB   C N N 254 
TYR CG   C Y N 255 
TYR CD1  C Y N 256 
TYR CD2  C Y N 257 
TYR CE1  C Y N 258 
TYR CE2  C Y N 259 
TYR CZ   C Y N 260 
TYR OH   O N N 261 
TYR OXT  O N N 262 
TYR H    H N N 263 
TYR H2   H N N 264 
TYR HA   H N N 265 
TYR HB2  H N N 266 
TYR HB3  H N N 267 
TYR HD1  H N N 268 
TYR HD2  H N N 269 
TYR HE1  H N N 270 
TYR HE2  H N N 271 
TYR HH   H N N 272 
TYR HXT  H N N 273 
VAL N    N N N 274 
VAL CA   C N S 275 
VAL C    C N N 276 
VAL O    O N N 277 
VAL CB   C N N 278 
VAL CG1  C N N 279 
VAL CG2  C N N 280 
VAL OXT  O N N 281 
VAL H    H N N 282 
VAL H2   H N N 283 
VAL HA   H N N 284 
VAL HB   H N N 285 
VAL HG11 H N N 286 
VAL HG12 H N N 287 
VAL HG13 H N N 288 
VAL HG21 H N N 289 
VAL HG22 H N N 290 
VAL HG23 H N N 291 
VAL HXT  H N N 292 
# 
loop_
_chem_comp_bond.comp_id 
_chem_comp_bond.atom_id_1 
_chem_comp_bond.atom_id_2 
_chem_comp_bond.value_order 
_chem_comp_bond.pdbx_aromatic_flag 
_chem_comp_bond.pdbx_stereo_config 
_chem_comp_bond.pdbx_ordinal 
ALA N   CA   sing N N 1   
ALA N   H    sing N N 2   
ALA N   H2   sing N N 3   
ALA CA  C    sing N N 4   
ALA CA  CB   sing N N 5   
ALA CA  HA   sing N N 6   
ALA C   O    doub N N 7   
ALA C   OXT  sing N N 8   
ALA CB  HB1  sing N N 9   
ALA CB  HB2  sing N N 10  
ALA CB  HB3  sing N N 11  
ALA OXT HXT  sing N N 12  
ASN N   CA   sing N N 13  
ASN N   H    sing N N 14  
ASN N   H2   sing N N 15  
ASN CA  C    sing N N 16  
ASN CA  CB   sing N N 17  
ASN CA  HA   sing N N 18  
ASN C   O    doub N N 19  
ASN C   OXT  sing N N 20  
ASN CB  CG   sing N N 21  
ASN CB  HB2  sing N N 22  
ASN CB  HB3  sing N N 23  
ASN CG  OD1  doub N N 24  
ASN CG  ND2  sing N N 25  
ASN ND2 HD21 sing N N 26  
ASN ND2 HD22 sing N N 27  
ASN OXT HXT  sing N N 28  
ASP N   CA   sing N N 29  
ASP N   H    sing N N 30  
ASP N   H2   sing N N 31  
ASP CA  C    sing N N 32  
ASP CA  CB   sing N N 33  
ASP CA  HA   sing N N 34  
ASP C   O    doub N N 35  
ASP C   OXT  sing N N 36  
ASP CB  CG   sing N N 37  
ASP CB  HB2  sing N N 38  
ASP CB  HB3  sing N N 39  
ASP CG  OD1  doub N N 40  
ASP CG  OD2  sing N N 41  
ASP OD2 HD2  sing N N 42  
ASP OXT HXT  sing N N 43  
CYS N   CA   sing N N 44  
CYS N   H    sing N N 45  
CYS N   H2   sing N N 46  
CYS CA  C    sing N N 47  
CYS CA  CB   sing N N 48  
CYS CA  HA   sing N N 49  
CYS C   O    doub N N 50  
CYS C   OXT  sing N N 51  
CYS CB  SG   sing N N 52  
CYS CB  HB2  sing N N 53  
CYS CB  HB3  sing N N 54  
CYS SG  HG   sing N N 55  
CYS OXT HXT  sing N N 56  
GLN N   CA   sing N N 57  
GLN N   H    sing N N 58  
GLN N   H2   sing N N 59  
GLN CA  C    sing N N 60  
GLN CA  CB   sing N N 61  
GLN CA  HA   sing N N 62  
GLN C   O    doub N N 63  
GLN C   OXT  sing N N 64  
GLN CB  CG   sing N N 65  
GLN CB  HB2  sing N N 66  
GLN CB  HB3  sing N N 67  
GLN CG  CD   sing N N 68  
GLN CG  HG2  sing N N 69  
GLN CG  HG3  sing N N 70  
GLN CD  OE1  doub N N 71  
GLN CD  NE2  sing N N 72  
GLN NE2 HE21 sing N N 73  
GLN NE2 HE22 sing N N 74  
GLN OXT HXT  sing N N 75  
GLU N   CA   sing N N 76  
GLU N   H    sing N N 77  
GLU N   H2   sing N N 78  
GLU CA  C    sing N N 79  
GLU CA  CB   sing N N 80  
GLU CA  HA   sing N N 81  
GLU C   O    doub N N 82  
GLU C   OXT  sing N N 83  
GLU CB  CG   sing N N 84  
GLU CB  HB2  sing N N 85  
GLU CB  HB3  sing N N 86  
GLU CG  CD   sing N N 87  
GLU CG  HG2  sing N N 88  
GLU CG  HG3  sing N N 89  
GLU CD  OE1  doub N N 90  
GLU CD  OE2  sing N N 91  
GLU OE2 HE2  sing N N 92  
GLU OXT HXT  sing N N 93  
GLY N   CA   sing N N 94  
GLY N   H    sing N N 95  
GLY N   H2   sing N N 96  
GLY CA  C    sing N N 97  
GLY CA  HA2  sing N N 98  
GLY CA  HA3  sing N N 99  
GLY C   O    doub N N 100 
GLY C   OXT  sing N N 101 
GLY OXT HXT  sing N N 102 
HOH O   H1   sing N N 103 
HOH O   H2   sing N N 104 
ILE N   CA   sing N N 105 
ILE N   H    sing N N 106 
ILE N   H2   sing N N 107 
ILE CA  C    sing N N 108 
ILE CA  CB   sing N N 109 
ILE CA  HA   sing N N 110 
ILE C   O    doub N N 111 
ILE C   OXT  sing N N 112 
ILE CB  CG1  sing N N 113 
ILE CB  CG2  sing N N 114 
ILE CB  HB   sing N N 115 
ILE CG1 CD1  sing N N 116 
ILE CG1 HG12 sing N N 117 
ILE CG1 HG13 sing N N 118 
ILE CG2 HG21 sing N N 119 
ILE CG2 HG22 sing N N 120 
ILE CG2 HG23 sing N N 121 
ILE CD1 HD11 sing N N 122 
ILE CD1 HD12 sing N N 123 
ILE CD1 HD13 sing N N 124 
ILE OXT HXT  sing N N 125 
LEU N   CA   sing N N 126 
LEU N   H    sing N N 127 
LEU N   H2   sing N N 128 
LEU CA  C    sing N N 129 
LEU CA  CB   sing N N 130 
LEU CA  HA   sing N N 131 
LEU C   O    doub N N 132 
LEU C   OXT  sing N N 133 
LEU CB  CG   sing N N 134 
LEU CB  HB2  sing N N 135 
LEU CB  HB3  sing N N 136 
LEU CG  CD1  sing N N 137 
LEU CG  CD2  sing N N 138 
LEU CG  HG   sing N N 139 
LEU CD1 HD11 sing N N 140 
LEU CD1 HD12 sing N N 141 
LEU CD1 HD13 sing N N 142 
LEU CD2 HD21 sing N N 143 
LEU CD2 HD22 sing N N 144 
LEU CD2 HD23 sing N N 145 
LEU OXT HXT  sing N N 146 
MOH C   O    sing N N 147 
MOH C   H1   sing N N 148 
MOH C   H2   sing N N 149 
MOH C   H3   sing N N 150 
MOH O   HO   sing N N 151 
PCA N   CA   sing N N 152 
PCA N   CD   sing N N 153 
PCA N   H    sing N N 154 
PCA CA  CB   sing N N 155 
PCA CA  C    sing N N 156 
PCA CA  HA   sing N N 157 
PCA CB  CG   sing N N 158 
PCA CB  HB2  sing N N 159 
PCA CB  HB3  sing N N 160 
PCA CG  CD   sing N N 161 
PCA CG  HG2  sing N N 162 
PCA CG  HG3  sing N N 163 
PCA CD  OE   doub N N 164 
PCA C   O    doub N N 165 
PCA C   OXT  sing N N 166 
PCA OXT HXT  sing N N 167 
PHE N   CA   sing N N 168 
PHE N   H    sing N N 169 
PHE N   H2   sing N N 170 
PHE CA  C    sing N N 171 
PHE CA  CB   sing N N 172 
PHE CA  HA   sing N N 173 
PHE C   O    doub N N 174 
PHE C   OXT  sing N N 175 
PHE CB  CG   sing N N 176 
PHE CB  HB2  sing N N 177 
PHE CB  HB3  sing N N 178 
PHE CG  CD1  doub Y N 179 
PHE CG  CD2  sing Y N 180 
PHE CD1 CE1  sing Y N 181 
PHE CD1 HD1  sing N N 182 
PHE CD2 CE2  doub Y N 183 
PHE CD2 HD2  sing N N 184 
PHE CE1 CZ   doub Y N 185 
PHE CE1 HE1  sing N N 186 
PHE CE2 CZ   sing Y N 187 
PHE CE2 HE2  sing N N 188 
PHE CZ  HZ   sing N N 189 
PHE OXT HXT  sing N N 190 
PRO N   CA   sing N N 191 
PRO N   CD   sing N N 192 
PRO N   H    sing N N 193 
PRO CA  C    sing N N 194 
PRO CA  CB   sing N N 195 
PRO CA  HA   sing N N 196 
PRO C   O    doub N N 197 
PRO C   OXT  sing N N 198 
PRO CB  CG   sing N N 199 
PRO CB  HB2  sing N N 200 
PRO CB  HB3  sing N N 201 
PRO CG  CD   sing N N 202 
PRO CG  HG2  sing N N 203 
PRO CG  HG3  sing N N 204 
PRO CD  HD2  sing N N 205 
PRO CD  HD3  sing N N 206 
PRO OXT HXT  sing N N 207 
SER N   CA   sing N N 208 
SER N   H    sing N N 209 
SER N   H2   sing N N 210 
SER CA  C    sing N N 211 
SER CA  CB   sing N N 212 
SER CA  HA   sing N N 213 
SER C   O    doub N N 214 
SER C   OXT  sing N N 215 
SER CB  OG   sing N N 216 
SER CB  HB2  sing N N 217 
SER CB  HB3  sing N N 218 
SER OG  HG   sing N N 219 
SER OXT HXT  sing N N 220 
THR N   CA   sing N N 221 
THR N   H    sing N N 222 
THR N   H2   sing N N 223 
THR CA  C    sing N N 224 
THR CA  CB   sing N N 225 
THR CA  HA   sing N N 226 
THR C   O    doub N N 227 
THR C   OXT  sing N N 228 
THR CB  OG1  sing N N 229 
THR CB  CG2  sing N N 230 
THR CB  HB   sing N N 231 
THR OG1 HG1  sing N N 232 
THR CG2 HG21 sing N N 233 
THR CG2 HG22 sing N N 234 
THR CG2 HG23 sing N N 235 
THR OXT HXT  sing N N 236 
TYR N   CA   sing N N 237 
TYR N   H    sing N N 238 
TYR N   H2   sing N N 239 
TYR CA  C    sing N N 240 
TYR CA  CB   sing N N 241 
TYR CA  HA   sing N N 242 
TYR C   O    doub N N 243 
TYR C   OXT  sing N N 244 
TYR CB  CG   sing N N 245 
TYR CB  HB2  sing N N 246 
TYR CB  HB3  sing N N 247 
TYR CG  CD1  doub Y N 248 
TYR CG  CD2  sing Y N 249 
TYR CD1 CE1  sing Y N 250 
TYR CD1 HD1  sing N N 251 
TYR CD2 CE2  doub Y N 252 
TYR CD2 HD2  sing N N 253 
TYR CE1 CZ   doub Y N 254 
TYR CE1 HE1  sing N N 255 
TYR CE2 CZ   sing Y N 256 
TYR CE2 HE2  sing N N 257 
TYR CZ  OH   sing N N 258 
TYR OH  HH   sing N N 259 
TYR OXT HXT  sing N N 260 
VAL N   CA   sing N N 261 
VAL N   H    sing N N 262 
VAL N   H2   sing N N 263 
VAL CA  C    sing N N 264 
VAL CA  CB   sing N N 265 
VAL CA  HA   sing N N 266 
VAL C   O    doub N N 267 
VAL C   OXT  sing N N 268 
VAL CB  CG1  sing N N 269 
VAL CB  CG2  sing N N 270 
VAL CB  HB   sing N N 271 
VAL CG1 HG11 sing N N 272 
VAL CG1 HG12 sing N N 273 
VAL CG1 HG13 sing N N 274 
VAL CG2 HG21 sing N N 275 
VAL CG2 HG22 sing N N 276 
VAL CG2 HG23 sing N N 277 
VAL OXT HXT  sing N N 278 
# 
_atom_sites.entry_id                    3Q8J 
_atom_sites.fract_transf_matrix[1][1]   -0.03883124 
_atom_sites.fract_transf_matrix[1][2]   0.05911908 
_atom_sites.fract_transf_matrix[1][3]   -0.01800460 
_atom_sites.fract_transf_matrix[2][1]   0.04229952 
_atom_sites.fract_transf_matrix[2][2]   0.01298192 
_atom_sites.fract_transf_matrix[2][3]   0.03799794 
_atom_sites.fract_transf_matrix[3][1]   0.02449057 
_atom_sites.fract_transf_matrix[3][2]   0.00255287 
_atom_sites.fract_transf_matrix[3][3]   -0.03369973 
_atom_sites.fract_transf_vector[1]      0.454334 
_atom_sites.fract_transf_vector[2]      0.490725 
_atom_sites.fract_transf_vector[3]      0.651615 
# 
loop_
_atom_type.symbol 
C 
H 
N 
O 
S 
# 
loop_
_atom_site.group_PDB 
_atom_site.id 
_atom_site.type_symbol 
_atom_site.label_atom_id 
_atom_site.label_alt_id 
_atom_site.label_comp_id 
_atom_site.label_asym_id 
_atom_site.label_entity_id 
_atom_site.label_seq_id 
_atom_site.pdbx_PDB_ins_code 
_atom_site.Cartn_x 
_atom_site.Cartn_y 
_atom_site.Cartn_z 
_atom_site.occupancy 
_atom_site.B_iso_or_equiv 
_atom_site.pdbx_formal_charge 
_atom_site.auth_seq_id 
_atom_site.auth_comp_id 
_atom_site.auth_asym_id 
_atom_site.auth_atom_id 
_atom_site.pdbx_PDB_model_num 
HETATM 1   N N    . PCA A 1 1  ? -1.051  -6.426  -9.920  1.00 9.91  ? 1    PCA A N    1 
HETATM 2   C CA   . PCA A 1 1  ? -1.931  -7.413  -9.947  1.00 7.83  ? 1    PCA A CA   1 
HETATM 3   C CB   . PCA A 1 1  ? -1.335  -8.557  -10.721 1.00 10.45 ? 1    PCA A CB   1 
HETATM 4   C CG   . PCA A 1 1  ? -0.388  -7.973  -11.609 1.00 9.95  ? 1    PCA A CG   1 
HETATM 5   C CD   . PCA A 1 1  ? -0.145  -6.549  -10.845 1.00 16.84 ? 1    PCA A CD   1 
HETATM 6   O OE   . PCA A 1 1  ? 0.875   -5.816  -11.109 1.00 17.79 ? 1    PCA A OE   1 
HETATM 7   C C    . PCA A 1 1  ? -2.583  -7.835  -8.647  1.00 4.80  ? 1    PCA A C    1 
HETATM 8   O O    . PCA A 1 1  ? -3.237  -8.888  -8.660  1.00 5.73  ? 1    PCA A O    1 
HETATM 9   H H1   . PCA A 1 1  ? -1.075  -5.763  -9.341  1.00 11.92 ? 1    PCA A H1   1 
HETATM 10  H HA   . PCA A 1 1  ? -2.680  -7.076  -10.516 1.00 9.40  ? 1    PCA A HA   1 
HETATM 11  H HB2  . PCA A 1 1  ? -0.892  -9.196  -10.109 1.00 12.48 ? 1    PCA A HB2  1 
HETATM 12  H HB3  . PCA A 1 1  ? -2.037  -9.036  -11.227 1.00 12.48 ? 1    PCA A HB3  1 
HETATM 13  H HG2  . PCA A 1 1  ? -0.760  -7.847  -12.517 1.00 11.92 ? 1    PCA A HG2  1 
HETATM 14  H HG3  . PCA A 1 1  ? 0.445   -8.507  -11.664 1.00 11.92 ? 1    PCA A HG3  1 
ATOM   15  N N    . GLY A 1 2  ? -2.459  -7.075  -7.563  1.00 4.59  ? 2    GLY A N    1 
ATOM   16  C CA   . GLY A 1 2  ? -3.133  -7.387  -6.354  1.00 3.99  ? 2    GLY A CA   1 
ATOM   17  C C    . GLY A 1 2  ? -3.116  -6.168  -5.408  1.00 3.58  ? 2    GLY A C    1 
ATOM   18  O O    . GLY A 1 2  ? -2.891  -5.069  -5.871  1.00 4.43  ? 2    GLY A O    1 
ATOM   19  H H    . GLY A 1 2  ? -1.948  -6.359  -7.596  1.00 5.53  ? 2    GLY A H    1 
ATOM   20  H HA2  . GLY A 1 2  ? -4.068  -7.644  -6.552  1.00 4.82  ? 2    GLY A HA2  1 
ATOM   21  H HA3  . GLY A 1 2  ? -2.688  -8.156  -5.915  1.00 4.82  ? 2    GLY A HA3  1 
ATOM   22  N N    . CYS A 1 3  ? -3.333  -6.472  -4.141  1.00 4.12  ? 3    CYS A N    1 
ATOM   23  C CA   . CYS A 1 3  ? -3.235  -5.408  -3.149  1.00 3.60  ? 3    CYS A CA   1 
ATOM   24  C C    . CYS A 1 3  ? -2.354  -5.916  -1.992  1.00 3.88  ? 3    CYS A C    1 
ATOM   25  O O    . CYS A 1 3  ? -2.264  -7.132  -1.745  1.00 4.64  ? 3    CYS A O    1 
ATOM   26  C CB   . CYS A 1 3  ? -4.567  -4.832  -2.699  1.00 3.99  ? 3    CYS A CB   1 
ATOM   27  S SG   . CYS A 1 3  ? -5.682  -5.961  -1.805  1.00 4.54  ? 3    CYS A SG   1 
ATOM   28  H H    . CYS A 1 3  ? -3.533  -7.297  -3.900  1.00 4.97  ? 3    CYS A H    1 
ATOM   29  H HA   . CYS A 1 3  ? -2.731  -4.659  -3.583  1.00 4.34  ? 3    CYS A HA   1 
ATOM   30  H HB2  . CYS A 1 3  ? -4.386  -4.051  -2.117  1.00 4.82  ? 3    CYS A HB2  1 
ATOM   31  H HB3  . CYS A 1 3  ? -5.045  -4.498  -3.499  1.00 4.82  ? 3    CYS A HB3  1 
ATOM   32  N N    . ALA A 1 4  ? -1.691  -4.968  -1.346  1.00 3.69  ? 4    ALA A N    1 
ATOM   33  C CA   . ALA A 1 4  ? -0.703  -5.238  -0.322  1.00 3.45  ? 4    ALA A CA   1 
ATOM   34  C C    . ALA A 1 4  ? -1.273  -5.039  1.080   1.00 3.49  ? 4    ALA A C    1 
ATOM   35  O O    . ALA A 1 4  ? -2.127  -4.207  1.344   1.00 4.25  ? 4    ALA A O    1 
ATOM   36  C CB   . ALA A 1 4  ? 0.494   -4.315  -0.504  1.00 4.09  ? 4    ALA A CB   1 
ATOM   37  H H    . ALA A 1 4  ? -1.858  -4.129  -1.552  1.00 4.42  ? 4    ALA A H    1 
ATOM   38  H HA   . ALA A 1 4  ? -0.396  -6.186  -0.414  1.00 4.18  ? 4    ALA A HA   1 
ATOM   39  H HB1  . ALA A 1 4  ? 0.182   -3.389  -0.599  1.00 6.08  ? 4    ALA A HB1  1 
ATOM   40  H HB2  . ALA A 1 4  ? 0.990   -4.574  -1.308  1.00 6.08  ? 4    ALA A HB2  1 
ATOM   41  H HB3  . ALA A 1 4  ? 1.082   -4.380  0.277   1.00 6.08  ? 4    ALA A HB3  1 
ATOM   42  N N    . PHE A 1 5  ? -0.699  -5.805  2.020   1.00 4.32  ? 5    PHE A N    1 
ATOM   43  C CA   . PHE A 1 5  ? -1.075  -5.741  3.435   1.00 4.84  ? 5    PHE A CA   1 
ATOM   44  C C    . PHE A 1 5  ? -0.072  -4.912  4.238   1.00 4.95  ? 5    PHE A C    1 
ATOM   45  O O    . PHE A 1 5  ? 0.881   -4.387  3.739   1.00 4.55  ? 5    PHE A O    1 
ATOM   46  C CB   . PHE A 1 5  ? -1.288  -7.162  3.970   1.00 6.07  ? 5    PHE A CB   1 
ATOM   47  C CG   . PHE A 1 5  ? -2.427  -7.857  3.268   1.00 7.24  ? 5    PHE A CG   1 
ATOM   48  C CD1  . PHE A 1 5  ? -3.712  -7.507  3.645   1.00 8.09  ? 5    PHE A CD1  1 
ATOM   49  C CD2  . PHE A 1 5  ? -2.242  -8.743  2.178   1.00 10.19 ? 5    PHE A CD2  1 
ATOM   50  C CE1  . PHE A 1 5  ? -4.847  -8.096  3.028   1.00 9.33  ? 5    PHE A CE1  1 
ATOM   51  C CE2  . PHE A 1 5  ? -3.264  -9.332  1.530   1.00 12.43 ? 5    PHE A CE2  1 
ATOM   52  C CZ   . PHE A 1 5  ? -4.585  -9.028  2.017   1.00 10.76 ? 5    PHE A CZ   1 
ATOM   53  H H    . PHE A 1 5  ? -0.069  -6.368  1.776   1.00 5.21  ? 5    PHE A H    1 
ATOM   54  H HA   . PHE A 1 5  ? -1.957  -5.271  3.485   1.00 5.84  ? 5    PHE A HA   1 
ATOM   55  H HB2  . PHE A 1 5  ? -0.457  -7.687  3.843   1.00 7.26  ? 5    PHE A HB2  1 
ATOM   56  H HB3  . PHE A 1 5  ? -1.477  -7.122  4.939   1.00 7.26  ? 5    PHE A HB3  1 
ATOM   57  H HD1  . PHE A 1 5  ? -3.838  -6.861  4.330   1.00 9.71  ? 5    PHE A HD1  1 
ATOM   58  H HD2  . PHE A 1 5  ? -1.355  -8.930  1.891   1.00 12.24 ? 5    PHE A HD2  1 
ATOM   59  H HE1  . PHE A 1 5  ? -5.734  -7.869  3.285   1.00 11.13 ? 5    PHE A HE1  1 
ATOM   60  H HE2  . PHE A 1 5  ? -3.123  -9.915  0.793   1.00 0.00  ? 5    PHE A HE2  1 
ATOM   61  H HZ   . PHE A 1 5  ? -5.322  -9.488  1.631   1.00 12.95 ? 5    PHE A HZ   1 
ATOM   62  N N    . GLU A 1 6  ? -0.342  -4.767  5.557   1.00 6.09  ? 6    GLU A N    1 
ATOM   63  C CA   . GLU A 1 6  ? 0.551   -3.916  6.401   1.00 5.51  ? 6    GLU A CA   1 
ATOM   64  C C    . GLU A 1 6  ? 1.967   -4.423  6.309   1.00 5.22  ? 6    GLU A C    1 
ATOM   65  O O    . GLU A 1 6  ? 2.240   -5.626  6.467   1.00 5.44  ? 6    GLU A O    1 
ATOM   66  C CB   . GLU A 1 6  ? 0.020   -3.984  7.787   1.00 6.54  ? 6    GLU A CB   1 
ATOM   67  C CG   . GLU A 1 6  ? 0.766   -3.039  8.751   1.00 8.43  ? 6    GLU A CG   1 
ATOM   68  C CD   . GLU A 1 6  ? 0.206   -3.071  10.104  1.00 8.88  ? 6    GLU A CD   1 
ATOM   69  O OE1  . GLU A 1 6  ? 0.599   -2.299  10.926  1.00 14.56 ? 6    GLU A OE1  1 
ATOM   70  O OE2  . GLU A 1 6  ? -0.798  -3.713  10.365  1.00 12.87 ? 6    GLU A OE2  1 
ATOM   71  H H    . GLU A 1 6  ? -1.036  -5.169  5.915   1.00 7.34  ? 6    GLU A H    1 
ATOM   72  H HA   . GLU A 1 6  ? 0.514   -2.970  6.078   1.00 6.55  ? 6    GLU A HA   1 
ATOM   73  H HB2  . GLU A 1 6  ? -0.941  -3.744  7.778   1.00 7.90  ? 6    GLU A HB2  1 
ATOM   74  H HB3  . GLU A 1 6  ? 0.099   -4.913  8.118   1.00 7.90  ? 6    GLU A HB3  1 
ATOM   75  H HG2  . GLU A 1 6  ? 1.720   -3.302  8.787   1.00 10.11 ? 6    GLU A HG2  1 
ATOM   76  H HG3  . GLU A 1 6  ? 0.718   -2.115  8.402   1.00 10.11 ? 6    GLU A HG3  1 
ATOM   77  H HE2  . GLU A 1 6  ? -1.015  -3.575  11.164  1.00 19.27 ? 6    GLU A HE2  1 
ATOM   78  N N    . GLY A 1 7  ? 2.923   -3.453  6.172   1.00 5.23  ? 7    GLY A N    1 
ATOM   79  C CA   . GLY A 1 7  ? 4.283   -3.787  6.159   1.00 5.25  ? 7    GLY A CA   1 
ATOM   80  C C    . GLY A 1 7  ? 4.866   -4.234  4.801   1.00 4.88  ? 7    GLY A C    1 
ATOM   81  O O    . GLY A 1 7  ? 6.052   -4.453  4.665   1.00 5.65  ? 7    GLY A O    1 
ATOM   82  H H    . GLY A 1 7  ? 2.679   -2.611  6.091   1.00 6.32  ? 7    GLY A H    1 
ATOM   83  H HA2  . GLY A 1 7  ? 4.796   -2.999  6.470   1.00 6.32  ? 7    GLY A HA2  1 
ATOM   84  H HA3  . GLY A 1 7  ? 4.431   -4.513  6.813   1.00 6.32  ? 7    GLY A HA3  1 
ATOM   85  N N    . GLU A 1 8  ? 3.916   -4.444  3.875   1.00 4.64  ? 8    GLU A N    1 
ATOM   86  C CA   . GLU A 1 8  ? 4.287   -4.904  2.511   1.00 4.01  ? 8    GLU A CA   1 
ATOM   87  C C    . GLU A 1 8  ? 4.434   -3.722  1.579   1.00 4.16  ? 8    GLU A C    1 
ATOM   88  O O    . GLU A 1 8  ? 3.758   -2.700  1.681   1.00 4.43  ? 8    GLU A O    1 
ATOM   89  C CB   . GLU A 1 8  ? 3.164   -5.874  2.063   1.00 3.65  ? 8    GLU A CB   1 
ATOM   90  C CG   . GLU A 1 8  ? 3.312   -6.349  0.636   1.00 3.32  ? 8    GLU A CG   1 
ATOM   91  C CD   . GLU A 1 8  ? 2.269   -7.410  0.290   1.00 3.84  ? 8    GLU A CD   1 
ATOM   92  O OE1  . GLU A 1 8  ? 1.542   -7.897  1.120   1.00 4.40  ? 8    GLU A OE1  1 
ATOM   93  O OE2  . GLU A 1 8  ? 2.266   -7.812  -0.947  1.00 4.95  ? 8    GLU A OE2  1 
ATOM   94  H H    . GLU A 1 8  ? 3.070   -4.307  4.075   1.00 5.53  ? 8    GLU A H    1 
ATOM   95  H HA   . GLU A 1 8  ? 5.155   -5.400  2.555   1.00 4.82  ? 8    GLU A HA   1 
ATOM   96  H HB2  . GLU A 1 8  ? 3.161   -6.662  2.663   1.00 4.34  ? 8    GLU A HB2  1 
ATOM   97  H HB3  . GLU A 1 8  ? 2.290   -5.421  2.159   1.00 4.43  ? 8    GLU A HB3  1 
ATOM   98  H HG2  . GLU A 1 8  ? 3.209   -5.578  0.023   1.00 4.03  ? 8    GLU A HG2  1 
ATOM   99  H HG3  . GLU A 1 8  ? 4.216   -6.725  0.508   1.00 4.03  ? 8    GLU A HG3  1 
ATOM   100 H HE2  . GLU A 1 8  ? 2.809   -7.353  -1.393  1.00 7.42  ? 8    GLU A HE2  1 
ATOM   101 N N    . SER A 1 9  ? 5.312   -3.908  0.606   1.00 3.81  ? 9    SER A N    1 
ATOM   102 C CA   . SER A 1 9  ? 5.497   -2.942  -0.473  1.00 4.40  ? 9    SER A CA   1 
ATOM   103 C C    . SER A 1 9  ? 4.250   -2.696  -1.245  1.00 3.69  ? 9    SER A C    1 
ATOM   104 O O    . SER A 1 9  ? 3.517   -3.666  -1.612  1.00 4.90  ? 9    SER A O    1 
ATOM   105 C CB   . SER A 1 9  ? 6.608   -3.477  -1.504  1.00 6.00  ? 9    SER A CB   1 
ATOM   106 O OG   . SER A 1 9  ? 6.743   -2.702  -2.674  1.00 7.35  ? 9    SER A OG   1 
ATOM   107 H H    . SER A 1 9  ? 5.802   -4.638  0.611   1.00 4.58  ? 9    SER A H    1 
ATOM   108 H HA   . SER A 1 9  ? 5.809   -2.076  -0.083  1.00 5.21  ? 9    SER A HA   1 
ATOM   109 H HB2  . SER A 1 9  ? 7.485   -3.501  -1.042  1.00 7.19  ? 9    SER A HB2  1 
ATOM   110 H HB3  . SER A 1 9  ? 6.381   -4.404  -1.764  1.00 7.19  ? 9    SER A HB3  1 
ATOM   111 H HG   . SER A 1 9  ? 7.281   -2.073  -2.535  1.00 11.05 ? 9    SER A HG   1 
ATOM   112 N N    . CYS A 1 10 ? 3.982   -1.458  -1.539  1.00 3.06  ? 10   CYS A N    1 
ATOM   113 C CA   . CYS A 1 10 ? 2.880   -1.020  -2.369  1.00 3.10  ? 10   CYS A CA   1 
ATOM   114 C C    . CYS A 1 10 ? 3.398   -0.207  -3.566  1.00 3.27  ? 10   CYS A C    1 
ATOM   115 O O    . CYS A 1 10 ? 4.464   0.392   -3.494  1.00 3.88  ? 10   CYS A O    1 
ATOM   116 C CB   . CYS A 1 10 ? 1.811   -0.310  -1.570  1.00 3.21  ? 10   CYS A CB   1 
ATOM   117 S SG   . CYS A 1 10 ? 2.533   1.032   -0.505  1.00 3.02  ? 10   CYS A SG   1 
ATOM   118 H H    . CYS A 1 10 ? 4.512   -0.840  -1.206  1.00 3.63  ? 10   CYS A H    1 
ATOM   119 H HA   . CYS A 1 10 ? 2.457   -1.845  -2.746  1.00 3.71  ? 10   CYS A HA   1 
ATOM   120 H HB2  . CYS A 1 10 ? 1.148   0.085   -2.190  1.00 3.87  ? 10   CYS A HB2  1 
ATOM   121 H HB3  . CYS A 1 10 ? 1.342   -0.966  -0.996  1.00 3.87  ? 10   CYS A HB3  1 
ATOM   122 N N    . ASN A 1 11 ? 2.584   -0.196  -4.588  1.00 3.58  ? 11   ASN A N    1 
ATOM   123 C CA   . ASN A 1 11 ? 2.821   0.639   -5.764  1.00 3.74  ? 11   ASN A CA   1 
ATOM   124 C C    . ASN A 1 11 ? 1.440   1.069   -6.225  1.00 3.99  ? 11   ASN A C    1 
ATOM   125 O O    . ASN A 1 11 ? 0.542   0.229   -6.383  1.00 4.30  ? 11   ASN A O    1 
ATOM   126 C CB   . ASN A 1 11 ? 3.623   -0.097  -6.836  1.00 4.67  ? 11   ASN A CB   1 
ATOM   127 C CG   . ASN A 1 11 ? 3.585   0.605   -8.151  1.00 4.37  ? 11   ASN A CG   1 
ATOM   128 O OD1  . ASN A 1 11 ? 2.548   0.623   -8.795  1.00 4.83  ? 11   ASN A OD1  1 
ATOM   129 N ND2  . ASN A 1 11 ? 4.717   1.115   -8.620  1.00 5.39  ? 11   ASN A ND2  1 
ATOM   130 H H    . ASN A 1 11 ? 1.868   -0.707  -4.567  1.00 4.26  ? 11   ASN A H    1 
ATOM   131 H HA   . ASN A 1 11 ? 3.331   1.450   -5.483  1.00 4.50  ? 11   ASN A HA   1 
ATOM   132 H HB2  . ASN A 1 11 ? 4.565   -0.178  -6.538  1.00 5.61  ? 11   ASN A HB2  1 
ATOM   133 H HB3  . ASN A 1 11 ? 3.259   -1.012  -6.945  1.00 5.61  ? 11   ASN A HB3  1 
ATOM   134 H HD21 . ASN A 1 11 ? 5.448   1.086   -8.132  1.00 6.47  ? 11   ASN A HD21 1 
ATOM   135 H HD22 . ASN A 1 11 ? 4.738   1.482   -9.420  1.00 6.47  ? 11   ASN A HD22 1 
ATOM   136 N N    . VAL A 1 12 ? 1.222   2.380   -6.422  1.00 4.29  ? 12   VAL A N    1 
ATOM   137 C CA   . VAL A 1 12 ? -0.114  2.848   -6.661  1.00 4.97  ? 12   VAL A CA   1 
ATOM   138 C C    . VAL A 1 12 ? -0.695  2.409   -8.043  1.00 6.53  ? 12   VAL A C    1 
ATOM   139 O O    . VAL A 1 12 ? -1.903  2.341   -8.175  1.00 10.78 ? 12   VAL A O    1 
ATOM   140 C CB   . VAL A 1 12 ? -0.251  4.384   -6.482  1.00 7.48  ? 12   VAL A CB   1 
ATOM   141 C CG1  . VAL A 1 12 ? 0.039   4.704   -5.128  1.00 10.12 ? 12   VAL A CG1  1 
ATOM   142 C CG2  . VAL A 1 12 ? 0.598   5.131   -7.466  1.00 10.75 ? 12   VAL A CG2  1 
ATOM   143 H H    . VAL A 1 12 ? 1.894   2.945   -6.408  1.00 5.13  ? 12   VAL A H    1 
ATOM   144 H HA   . VAL A 1 12 ? -0.691  2.428   -5.962  1.00 6.00  ? 12   VAL A HA   1 
ATOM   145 H HB   . VAL A 1 12 ? -1.206  4.626   -6.656  1.00 8.92  ? 12   VAL A HB   1 
ATOM   146 H HG11 . VAL A 1 12 ? 0.766   4.132   -4.806  1.00 15.16 ? 12   VAL A HG11 1 
ATOM   147 H HG12 . VAL A 1 12 ? -0.759  4.557   -4.579  1.00 15.16 ? 12   VAL A HG12 1 
ATOM   148 H HG13 . VAL A 1 12 ? 0.309   5.643   -5.066  1.00 15.16 ? 12   VAL A HG13 1 
ATOM   149 H HG21 . VAL A 1 12 ? 1.493   4.729   -7.497  1.00 16.11 ? 12   VAL A HG21 1 
ATOM   150 H HG22 . VAL A 1 12 ? 0.671   6.069   -7.188  1.00 16.11 ? 12   VAL A HG22 1 
ATOM   151 H HG23 . VAL A 1 12 ? 0.189   5.084   -8.354  1.00 16.11 ? 12   VAL A HG23 1 
ATOM   152 N N    . GLN A 1 13 ? 0.131   2.009   -8.997  1.00 5.28  ? 13   GLN A N    1 
ATOM   153 C CA   . GLN A 1 13 ? -0.352  1.463   -10.257 1.00 6.53  ? 13   GLN A CA   1 
ATOM   154 C C    . GLN A 1 13 ? -0.708  -0.038  -10.185 1.00 5.49  ? 13   GLN A C    1 
ATOM   155 O O    . GLN A 1 13 ? -1.646  -0.479  -10.796 1.00 7.48  ? 13   GLN A O    1 
ATOM   156 C CB   . GLN A 1 13 ? 0.772   1.690   -11.351 1.00 6.75  ? 13   GLN A CB   1 
ATOM   157 C CG   . GLN A 1 13 ? 0.435   1.156   -12.765 1.00 7.23  ? 13   GLN A CG   1 
ATOM   158 C CD   . GLN A 1 13 ? -0.715  1.934   -13.414 1.00 7.90  ? 13   GLN A CD   1 
ATOM   159 O OE1  . GLN A 1 13 ? -0.956  3.088   -13.166 1.00 15.62 ? 13   GLN A OE1  1 
ATOM   160 N NE2  . GLN A 1 13 ? -1.486  1.237   -14.247 1.00 8.37  ? 13   GLN A NE2  1 
ATOM   161 H H    . GLN A 1 13 ? 0.999   2.073   -8.867  1.00 6.32  ? 13   GLN A H    1 
ATOM   162 H HA   . GLN A 1 13 ? -1.170  1.970   -10.530 1.00 7.82  ? 13   GLN A HA   1 
ATOM   163 H HB2  . GLN A 1 13 ? 0.954   2.662   -11.419 1.00 8.13  ? 13   GLN A HB2  1 
ATOM   164 H HB3  . GLN A 1 13 ? 1.606   1.253   -11.043 1.00 8.13  ? 13   GLN A HB3  1 
ATOM   165 H HG2  . GLN A 1 13 ? 1.238   1.225   -13.339 1.00 8.61  ? 13   GLN A HG2  1 
ATOM   166 H HG3  . GLN A 1 13 ? 0.186   0.201   -12.701 1.00 8.61  ? 13   GLN A HG3  1 
ATOM   167 H HE21 . GLN A 1 13 ? -1.300  0.395   -14.419 1.00 10.03 ? 13   GLN A HE21 1 
ATOM   168 H HE22 . GLN A 1 13 ? -2.184  1.620   -14.624 1.00 10.03 ? 13   GLN A HE22 1 
ATOM   169 N N    . PHE A 1 14 ? 0.129   -0.800  -9.521  1.00 5.12  ? 14   PHE A N    1 
ATOM   170 C CA   . PHE A 1 14 ? 0.087   -2.249  -9.628  1.00 5.21  ? 14   PHE A CA   1 
ATOM   171 C C    . PHE A 1 14 ? -0.393  -2.991  -8.363  1.00 4.87  ? 14   PHE A C    1 
ATOM   172 O O    . PHE A 1 14 ? -0.963  -4.052  -8.493  1.00 5.48  ? 14   PHE A O    1 
ATOM   173 C CB   . PHE A 1 14 ? 1.518   -2.776  -9.999  1.00 5.12  ? 14   PHE A CB   1 
ATOM   174 C CG   . PHE A 1 14 ? 2.066   -2.289  -11.309 1.00 5.72  ? 14   PHE A CG   1 
ATOM   175 C CD1  . PHE A 1 14 ? 1.464   -2.687  -12.477 1.00 6.64  ? 14   PHE A CD1  1 
ATOM   176 C CD2  . PHE A 1 14 ? 3.099   -1.394  -11.362 1.00 6.69  ? 14   PHE A CD2  1 
ATOM   177 C CE1  . PHE A 1 14 ? 1.970   -2.286  -13.690 1.00 7.41  ? 14   PHE A CE1  1 
ATOM   178 C CE2  . PHE A 1 14 ? 3.615   -0.966  -12.617 1.00 7.19  ? 14   PHE A CE2  1 
ATOM   179 C CZ   . PHE A 1 14 ? 3.020   -1.408  -13.719 1.00 8.24  ? 14   PHE A CZ   1 
ATOM   180 H H    . PHE A 1 14 ? 0.728   -0.425  -8.998  1.00 6.16  ? 14   PHE A H    1 
ATOM   181 H HA   . PHE A 1 14 ? -0.530  -2.486  -10.377 1.00 6.24  ? 14   PHE A HA   1 
ATOM   182 H HB2  . PHE A 1 14 ? 2.145   -2.513  -9.281  1.00 6.16  ? 14   PHE A HB2  1 
ATOM   183 H HB3  . PHE A 1 14 ? 1.493   -3.766  -10.022 1.00 6.16  ? 14   PHE A HB3  1 
ATOM   184 H HD1  . PHE A 1 14 ? 0.693   -3.242  -12.447 1.00 7.97  ? 14   PHE A HD1  1 
ATOM   185 H HD2  . PHE A 1 14 ? 3.474   -1.058  -10.558 1.00 7.97  ? 14   PHE A HD2  1 
ATOM   186 H HE1  . PHE A 1 14 ? 1.597   -2.612  -14.500 1.00 8.92  ? 14   PHE A HE1  1 
ATOM   187 H HE2  . PHE A 1 14 ? 4.363   -0.382  -12.665 1.00 8.69  ? 14   PHE A HE2  1 
ATOM   188 H HZ   . PHE A 1 14 ? 3.335   -1.103  -14.561 1.00 9.87  ? 14   PHE A HZ   1 
ATOM   189 N N    . TYR A 1 15 ? -0.031  -2.435  -7.209  1.00 5.01  ? 15   TYR A N    1 
ATOM   190 C CA   . TYR A 1 15 ? -0.225  -3.074  -5.948  1.00 4.28  ? 15   TYR A CA   1 
ATOM   191 C C    . TYR A 1 15 ? -0.530  -2.058  -4.888  1.00 3.25  ? 15   TYR A C    1 
ATOM   192 O O    . TYR A 1 15 ? 0.268   -1.792  -3.991  1.00 3.82  ? 15   TYR A O    1 
ATOM   193 C CB   . TYR A 1 15 ? 1.017   -3.930  -5.466  1.00 6.81  ? 15   TYR A CB   1 
ATOM   194 C CG   . TYR A 1 15 ? 1.110   -5.283  -6.019  1.00 7.51  ? 15   TYR A CG   1 
ATOM   195 C CD1  . TYR A 1 15 ? 0.427   -6.368  -5.480  1.00 9.74  ? 15   TYR A CD1  1 
ATOM   196 C CD2  . TYR A 1 15 ? 1.808   -5.427  -7.213  1.00 8.11  ? 15   TYR A CD2  1 
ATOM   197 C CE1  . TYR A 1 15 ? 0.442   -7.595  -6.136  1.00 9.42  ? 15   TYR A CE1  1 
ATOM   198 C CE2  . TYR A 1 15 ? 1.823   -6.653  -7.867  1.00 9.00  ? 15   TYR A CE2  1 
ATOM   199 C CZ   . TYR A 1 15 ? 1.139   -7.736  -7.327  1.00 10.96 ? 15   TYR A CZ   1 
ATOM   200 O OH   . TYR A 1 15 ? 1.123   -8.980  -8.065  1.00 14.12 ? 15   TYR A OH   1 
ATOM   201 H H    . TYR A 1 15 ? 0.343   -1.639  -7.224  1.00 6.00  ? 15   TYR A H    1 
ATOM   202 H HA   . TYR A 1 15 ? -1.014  -3.685  -6.028  1.00 5.13  ? 15   TYR A HA   1 
ATOM   203 H HB2  . TYR A 1 15 ? 1.845   -3.439  -5.699  1.00 8.13  ? 15   TYR A HB2  1 
ATOM   204 H HB3  . TYR A 1 15 ? 0.983   -4.000  -4.478  1.00 8.13  ? 15   TYR A HB3  1 
ATOM   205 H HD1  . TYR A 1 15 ? -0.050  -6.270  -4.665  1.00 11.69 ? 15   TYR A HD1  1 
ATOM   206 H HD2  . TYR A 1 15 ? 2.276   -4.685  -7.582  1.00 9.71  ? 15   TYR A HD2  1 
ATOM   207 H HE1  . TYR A 1 15 ? -0.026  -8.334  -5.765  1.00 11.29 ? 15   TYR A HE1  1 
ATOM   208 H HE2  . TYR A 1 15 ? 2.300   -6.750  -8.682  1.00 10.82 ? 15   TYR A HE2  1 
ATOM   209 H HH   . TYR A 1 15 ? 1.188   -9.775  -7.769  1.00 21.16 ? 15   TYR A HH   1 
ATOM   210 N N    . PRO A 1 16 ? -1.735  -1.455  -4.978  1.00 3.37  ? 16   PRO A N    1 
ATOM   211 C CA   . PRO A 1 16 ? -2.105  -0.513  -3.888  1.00 3.29  ? 16   PRO A CA   1 
ATOM   212 C C    . PRO A 1 16 ? -2.310  -1.282  -2.606  1.00 2.94  ? 16   PRO A C    1 
ATOM   213 O O    . PRO A 1 16 ? -2.466  -2.502  -2.589  1.00 3.60  ? 16   PRO A O    1 
ATOM   214 C CB   . PRO A 1 16 ? -3.455  0.041   -4.415  1.00 4.41  ? 16   PRO A CB   1 
ATOM   215 C CG   . PRO A 1 16 ? -4.019  -1.083  -5.260  1.00 4.44  ? 16   PRO A CG   1 
ATOM   216 C CD   . PRO A 1 16 ? -2.806  -1.652  -5.941  1.00 3.73  ? 16   PRO A CD   1 
ATOM   217 H HA   . PRO A 1 16 ? -1.426  0.211   -3.779  1.00 3.95  ? 16   PRO A HA   1 
ATOM   218 H HB2  . PRO A 1 16 ? -4.062  0.259   -3.665  1.00 5.29  ? 16   PRO A HB2  1 
ATOM   219 H HB3  . PRO A 1 16 ? -3.313  0.856   -4.959  1.00 5.29  ? 16   PRO A HB3  1 
ATOM   220 H HG2  . PRO A 1 16 ? -4.463  -1.765  -4.695  1.00 5.37  ? 16   PRO A HG2  1 
ATOM   221 H HG3  . PRO A 1 16 ? -4.671  -0.738  -5.922  1.00 5.37  ? 16   PRO A HG3  1 
ATOM   222 H HD2  . PRO A 1 16 ? -2.930  -2.616  -6.136  1.00 4.50  ? 16   PRO A HD2  1 
ATOM   223 H HD3  . PRO A 1 16 ? -2.617  -1.174  -6.785  1.00 4.50  ? 16   PRO A HD3  1 
ATOM   224 N N    . CYS A 1 17 ? -2.316  -0.560  -1.479  1.00 3.05  ? 17   CYS A N    1 
ATOM   225 C CA   . CYS A 1 17 ? -2.685  -1.213  -0.236  1.00 3.20  ? 17   CYS A CA   1 
ATOM   226 C C    . CYS A 1 17 ? -4.154  -1.698  -0.269  1.00 3.19  ? 17   CYS A C    1 
ATOM   227 O O    . CYS A 1 17 ? -5.019  -1.002  -0.782  1.00 3.82  ? 17   CYS A O    1 
ATOM   228 C CB   . CYS A 1 17 ? -2.491  -0.290  0.957   1.00 3.35  ? 17   CYS A CB   1 
ATOM   229 S SG   . CYS A 1 17 ? -0.790  0.358   1.108   1.00 3.27  ? 17   CYS A SG   1 
ATOM   230 H H    . CYS A 1 17 ? -2.103  0.294   -1.491  1.00 3.71  ? 17   CYS A H    1 
ATOM   231 H HA   . CYS A 1 17 ? -2.095  -2.010  -0.113  1.00 3.87  ? 17   CYS A HA   1 
ATOM   232 H HB2  . CYS A 1 17 ? -3.118  0.473   0.878   1.00 4.03  ? 17   CYS A HB2  1 
ATOM   233 H HB3  . CYS A 1 17 ? -2.721  -0.782  1.786   1.00 4.03  ? 17   CYS A HB3  1 
ATOM   234 N N    . CYS A 1 18 ? -4.377  -2.858  0.306   1.00 3.52  ? 18   CYS A N    1 
ATOM   235 C CA   . CYS A 1 18 ? -5.734  -3.376  0.375   1.00 3.51  ? 18   CYS A CA   1 
ATOM   236 C C    . CYS A 1 18 ? -6.615  -2.454  1.244   1.00 4.02  ? 18   CYS A C    1 
ATOM   237 O O    . CYS A 1 18 ? -6.178  -1.983  2.283   1.00 4.44  ? 18   CYS A O    1 
ATOM   238 C CB   . CYS A 1 18 ? -5.772  -4.743  0.972   1.00 4.38  ? 18   CYS A CB   1 
ATOM   239 S SG   . CYS A 1 18 ? -4.855  -6.033  0.048   1.00 4.42  ? 18   CYS A SG   1 
ATOM   240 H H    . CYS A 1 18 ? -3.709  -3.317  0.648   1.00 4.18  ? 18   CYS A H    1 
ATOM   241 H HA   . CYS A 1 18 ? -6.115  -3.413  -0.548  1.00 4.18  ? 18   CYS A HA   1 
ATOM   242 H HB2  . CYS A 1 18 ? -5.400  -4.693  1.889   1.00 5.21  ? 18   CYS A HB2  1 
ATOM   243 H HB3  . CYS A 1 18 ? -6.716  -5.026  1.048   1.00 5.21  ? 18   CYS A HB3  1 
ATOM   244 N N    . PRO A 1 19 ? -7.880  -2.239  0.796   1.00 3.68  ? 19   PRO A N    1 
ATOM   245 C CA   . PRO A 1 19 ? -8.756  -1.281  1.490   1.00 4.83  ? 19   PRO A CA   1 
ATOM   246 C C    . PRO A 1 19 ? -9.432  -1.885  2.724   1.00 4.29  ? 19   PRO A C    1 
ATOM   247 O O    . PRO A 1 19 ? -9.530  -3.109  2.917   1.00 5.24  ? 19   PRO A O    1 
ATOM   248 C CB   . PRO A 1 19 ? -9.762  -0.900  0.384   1.00 5.70  ? 19   PRO A CB   1 
ATOM   249 C CG   . PRO A 1 19 ? -9.845  -2.206  -0.489  1.00 5.92  ? 19   PRO A CG   1 
ATOM   250 C CD   . PRO A 1 19 ? -8.449  -2.670  -0.484  1.00 4.26  ? 19   PRO A CD   1 
ATOM   251 H HA   . PRO A 1 19 ? -8.228  -0.472  1.754   1.00 5.76  ? 19   PRO A HA   1 
ATOM   252 H HB2  . PRO A 1 19 ? -10.645 -0.672  0.771   1.00 6.87  ? 19   PRO A HB2  1 
ATOM   253 H HB3  . PRO A 1 19 ? -9.434  -0.133  -0.147  1.00 6.87  ? 19   PRO A HB3  1 
ATOM   254 H HG2  . PRO A 1 19 ? -10.450 -2.874  -0.081  1.00 7.11  ? 19   PRO A HG2  1 
ATOM   255 H HG3  . PRO A 1 19 ? -10.154 -2.005  -1.409  1.00 7.11  ? 19   PRO A HG3  1 
ATOM   256 H HD2  . PRO A 1 19 ? -8.411  -3.657  -0.564  1.00 5.13  ? 19   PRO A HD2  1 
ATOM   257 H HD3  . PRO A 1 19 ? -7.949  -2.273  -1.238  1.00 5.13  ? 19   PRO A HD3  1 
ATOM   258 N N    . GLY A 1 20 ? -9.947  -0.994  3.548   1.00 4.38  ? 20   GLY A N    1 
ATOM   259 C CA   . GLY A 1 20 ? -10.692 -1.377  4.749   1.00 5.11  ? 20   GLY A CA   1 
ATOM   260 C C    . GLY A 1 20 ? -9.897  -1.693  5.995   1.00 4.28  ? 20   GLY A C    1 
ATOM   261 O O    . GLY A 1 20 ? -10.424 -2.127  6.980   1.00 5.13  ? 20   GLY A O    1 
ATOM   262 H H    . GLY A 1 20 ? -9.839  -0.138  3.371   1.00 5.21  ? 20   GLY A H    1 
ATOM   263 H HA2  . GLY A 1 20 ? -11.319 -0.641  4.967   1.00 6.08  ? 20   GLY A HA2  1 
ATOM   264 H HA3  . GLY A 1 20 ? -11.241 -2.171  4.528   1.00 6.08  ? 20   GLY A HA3  1 
ATOM   265 N N    . LEU A 1 21 ? -8.540  -1.440  5.866   1.00 4.16  ? 21   LEU A N    1 
ATOM   266 C CA   . LEU A 1 21 ? -7.591  -1.889  6.866   1.00 4.25  ? 21   LEU A CA   1 
ATOM   267 C C    . LEU A 1 21 ? -6.772  -0.770  7.486   1.00 3.98  ? 21   LEU A C    1 
ATOM   268 O O    . LEU A 1 21 ? -5.861  -0.995  8.241   1.00 4.55  ? 21   LEU A O    1 
ATOM   269 C CB   . LEU A 1 21 ? -6.661  -2.943  6.246   1.00 4.50  ? 21   LEU A CB   1 
ATOM   270 C CG   . LEU A 1 21 ? -7.319  -4.204  5.755   1.00 6.32  ? 21   LEU A CG   1 
ATOM   271 C CD1  . LEU A 1 21 ? -6.271  -5.052  5.017   1.00 6.26  ? 21   LEU A CD1  1 
ATOM   272 C CD2  . LEU A 1 21 ? -7.958  -4.972  6.947   1.00 8.95  ? 21   LEU A CD2  1 
ATOM   273 H H    . LEU A 1 21 ? -8.248  -1.001  5.162   1.00 4.97  ? 21   LEU A H    1 
ATOM   274 H HA   . LEU A 1 21 ? -8.107  -2.330  7.600   1.00 5.13  ? 21   LEU A HA   1 
ATOM   275 H HB2  . LEU A 1 21 ? -6.183  -2.526  5.485   1.00 5.45  ? 21   LEU A HB2  1 
ATOM   276 H HB3  . LEU A 1 21 ? -5.980  -3.192  6.921   1.00 5.45  ? 21   LEU A HB3  1 
ATOM   277 H HG   . LEU A 1 21 ? -8.043  -3.956  5.109   1.00 7.58  ? 21   LEU A HG   1 
ATOM   278 H HD11 . LEU A 1 21 ? -5.638  -5.427  5.664   1.00 9.40  ? 21   LEU A HD11 1 
ATOM   279 H HD12 . LEU A 1 21 ? -5.784  -4.488  4.377   1.00 9.40  ? 21   LEU A HD12 1 
ATOM   280 H HD13 . LEU A 1 21 ? -6.717  -5.779  4.536   1.00 9.40  ? 21   LEU A HD13 1 
ATOM   281 H HD21 . LEU A 1 21 ? -7.388  -4.881  7.739   1.00 13.42 ? 21   LEU A HD21 1 
ATOM   282 H HD22 . LEU A 1 21 ? -8.046  -5.920  6.716   1.00 13.42 ? 21   LEU A HD22 1 
ATOM   283 H HD23 . LEU A 1 21 ? -8.845  -4.599  7.139   1.00 13.42 ? 21   LEU A HD23 1 
ATOM   284 N N    . GLY A 1 22 ? -7.111  0.513   7.175   1.00 3.72  ? 22   GLY A N    1 
ATOM   285 C CA   . GLY A 1 22 ? -6.357  1.643   7.692   1.00 3.94  ? 22   GLY A CA   1 
ATOM   286 C C    . GLY A 1 22 ? -5.036  1.896   6.989   1.00 3.56  ? 22   GLY A C    1 
ATOM   287 O O    . GLY A 1 22 ? -4.202  2.655   7.536   1.00 4.36  ? 22   GLY A O    1 
ATOM   288 H H    . GLY A 1 22 ? -7.800  0.660   6.647   1.00 4.42  ? 22   GLY A H    1 
ATOM   289 H HA2  . GLY A 1 22 ? -6.916  2.457   7.615   1.00 4.74  ? 22   GLY A HA2  1 
ATOM   290 H HA3  . GLY A 1 22 ? -6.179  1.491   8.653   1.00 4.74  ? 22   GLY A HA3  1 
ATOM   291 N N    . LEU A 1 23 ? -4.800  1.295   5.829   1.00 3.33  ? 23   LEU A N    1 
ATOM   292 C CA   . LEU A 1 23 ? -3.473  1.351   5.238   1.00 3.52  ? 23   LEU A CA   1 
ATOM   293 C C    . LEU A 1 23 ? -3.302  2.535   4.270   1.00 3.65  ? 23   LEU A C    1 
ATOM   294 O O    . LEU A 1 23 ? -4.135  2.839   3.433   1.00 6.51  ? 23   LEU A O    1 
ATOM   295 C CB   . LEU A 1 23 ? -3.209  0.051   4.455   1.00 3.41  ? 23   LEU A CB   1 
ATOM   296 C CG   . LEU A 1 23 ? -3.243  -1.218  5.353   1.00 4.06  ? 23   LEU A CG   1 
ATOM   297 C CD1  . LEU A 1 23 ? -3.113  -2.454  4.419   1.00 5.26  ? 23   LEU A CD1  1 
ATOM   298 C CD2  . LEU A 1 23 ? -2.201  -1.144  6.454   1.00 4.54  ? 23   LEU A CD2  1 
ATOM   299 H H    . LEU A 1 23 ? -5.448  0.862   5.419   1.00 3.95  ? 23   LEU A H    1 
ATOM   300 H HA   . LEU A 1 23 ? -2.795  1.431   5.968   1.00 4.18  ? 23   LEU A HA   1 
ATOM   301 H HB2  . LEU A 1 23 ? -3.890  -0.039  3.744   1.00 4.11  ? 23   LEU A HB2  1 
ATOM   302 H HB3  . LEU A 1 23 ? -2.323  0.113   4.018   1.00 4.11  ? 23   LEU A HB3  1 
ATOM   303 H HG   . LEU A 1 23 ? -4.143  -1.261  5.788   1.00 4.90  ? 23   LEU A HG   1 
ATOM   304 H HD11 . LEU A 1 23 ? -3.083  -3.271  4.960   1.00 7.90  ? 23   LEU A HD11 1 
ATOM   305 H HD12 . LEU A 1 23 ? -2.288  -2.380  3.895   1.00 7.90  ? 23   LEU A HD12 1 
ATOM   306 H HD13 . LEU A 1 23 ? -3.881  -2.489  3.813   1.00 7.90  ? 23   LEU A HD13 1 
ATOM   307 H HD21 . LEU A 1 23 ? -2.195  -1.983  6.958   1.00 6.87  ? 23   LEU A HD21 1 
ATOM   308 H HD22 . LEU A 1 23 ? -2.414  -0.402  7.056   1.00 6.87  ? 23   LEU A HD22 1 
ATOM   309 H HD23 . LEU A 1 23 ? -1.317  -0.998  6.057   1.00 6.87  ? 23   LEU A HD23 1 
ATOM   310 N N    . THR A 1 24 ? -2.174  3.188   4.425   1.00 3.36  ? 24   THR A N    1 
ATOM   311 C CA   . THR A 1 24 ? -1.718  4.262   3.538   1.00 3.11  ? 24   THR A CA   1 
ATOM   312 C C    . THR A 1 24 ? -0.408  3.823   2.938   1.00 2.98  ? 24   THR A C    1 
ATOM   313 O O    . THR A 1 24 ? 0.437   3.171   3.573   1.00 3.38  ? 24   THR A O    1 
ATOM   314 C CB   . THR A 1 24 ? -1.623  5.553   4.364   1.00 3.58  ? 24   THR A CB   1 
ATOM   315 O OG1  . THR A 1 24 ? -1.160  6.537   3.419   1.00 3.92  ? 24   THR A OG1  1 
ATOM   316 C CG2  . THR A 1 24 ? -0.754  5.511   5.552   1.00 3.85  ? 24   THR A CG2  1 
ATOM   317 H H    . THR A 1 24 ? -1.658  2.970   5.106   1.00 4.03  ? 24   THR A H    1 
ATOM   318 H HA   . THR A 1 24 ? -2.388  4.387   2.806   1.00 3.71  ? 24   THR A HA   1 
ATOM   319 H HB   . THR A 1 24 ? -2.545  5.807   4.656   1.00 4.26  ? 24   THR A HB   1 
ATOM   320 H HG1  . THR A 1 24 ? -0.913  7.228   3.832   1.00 5.84  ? 24   THR A HG1  1 
ATOM   321 H HG21 . THR A 1 24 ? 0.151   5.250   5.286   1.00 5.84  ? 24   THR A HG21 1 
ATOM   322 H HG22 . THR A 1 24 ? -1.106  4.857   6.194   1.00 5.84  ? 24   THR A HG22 1 
ATOM   323 H HG23 . THR A 1 24 ? -0.730  6.397   5.970   1.00 5.84  ? 24   THR A HG23 1 
ATOM   324 N N    . CYS A 1 25 ? -0.176  4.141   1.638   1.00 2.83  ? 25   CYS A N    1 
ATOM   325 C CA   . CYS A 1 25 ? 1.009   3.727   0.925   1.00 2.81  ? 25   CYS A CA   1 
ATOM   326 C C    . CYS A 1 25 ? 2.085   4.843   0.992   1.00 2.78  ? 25   CYS A C    1 
ATOM   327 O O    . CYS A 1 25 ? 1.933   5.848   0.317   1.00 3.20  ? 25   CYS A O    1 
ATOM   328 C CB   . CYS A 1 25 ? 0.676   3.404   -0.505  1.00 3.45  ? 25   CYS A CB   1 
ATOM   329 S SG   . CYS A 1 25 ? 2.116   2.795   -1.449  1.00 3.13  ? 25   CYS A SG   1 
ATOM   330 H H    . CYS A 1 25 ? -0.778  4.619   1.209   1.00 3.40  ? 25   CYS A H    1 
ATOM   331 H HA   . CYS A 1 25 ? 1.374   2.904   1.361   1.00 3.40  ? 25   CYS A HA   1 
ATOM   332 H HB2  . CYS A 1 25 ? -0.035  2.716   -0.523  1.00 4.11  ? 25   CYS A HB2  1 
ATOM   333 H HB3  . CYS A 1 25 ? 0.322   4.217   -0.945  1.00 4.11  ? 25   CYS A HB3  1 
ATOM   334 N N    . ILE A 1 26 ? 3.062   4.662   1.876   1.00 2.77  ? 26   ILE A N    1 
ATOM   335 C CA   . ILE A 1 26 ? 3.996   5.747   2.156   1.00 2.76  ? 26   ILE A CA   1 
ATOM   336 C C    . ILE A 1 26 ? 5.380   5.399   1.652   1.00 2.85  ? 26   ILE A C    1 
ATOM   337 O O    . ILE A 1 26 ? 5.933   4.362   1.996   1.00 3.12  ? 26   ILE A O    1 
ATOM   338 C CB   . ILE A 1 26 ? 4.101   6.060   3.684   1.00 3.49  ? 26   ILE A CB   1 
ATOM   339 C CG1  . ILE A 1 26 ? 2.714   6.432   4.237   1.00 4.52  ? 26   ILE A CG1  1 
ATOM   340 C CG2  . ILE A 1 26 ? 5.093   7.198   3.894   1.00 3.77  ? 26   ILE A CG2  1 
ATOM   341 C CD1  . ILE A 1 26 ? 2.758   6.764   5.689   1.00 6.18  ? 26   ILE A CD1  1 
ATOM   342 H H    . ILE A 1 26 ? 3.146   3.891   2.288   1.00 3.32  ? 26   ILE A H    1 
ATOM   343 H HA   . ILE A 1 26 ? 3.679   6.568   1.682   1.00 3.32  ? 26   ILE A HA   1 
ATOM   344 H HB   . ILE A 1 26 ? 4.434   5.245   4.160   1.00 4.18  ? 26   ILE A HB   1 
ATOM   345 H HG12 . ILE A 1 26 ? 2.363   7.210   3.736   1.00 5.45  ? 26   ILE A HG12 1 
ATOM   346 H HG13 . ILE A 1 26 ? 2.094   5.673   4.097   1.00 5.45  ? 26   ILE A HG13 1 
ATOM   347 H HG21 . ILE A 1 26 ? 5.972   6.935   3.548   1.00 5.68  ? 26   ILE A HG21 1 
ATOM   348 H HG22 . ILE A 1 26 ? 5.164   7.396   4.851   1.00 5.68  ? 26   ILE A HG22 1 
ATOM   349 H HG23 . ILE A 1 26 ? 4.779   7.995   3.418   1.00 5.68  ? 26   ILE A HG23 1 
ATOM   350 H HD11 . ILE A 1 26 ? 3.316   7.559   5.825   1.00 9.24  ? 26   ILE A HD11 1 
ATOM   351 H HD12 . ILE A 1 26 ? 3.137   6.010   6.187   1.00 9.24  ? 26   ILE A HD12 1 
ATOM   352 H HD13 . ILE A 1 26 ? 1.849   6.941   6.010   1.00 9.24  ? 26   ILE A HD13 1 
ATOM   353 N N    . PRO A 1 27 ? 6.022   6.278   0.809   1.00 3.12  ? 27   PRO A N    1 
ATOM   354 C CA   . PRO A 1 27 ? 5.448   7.523   0.308   1.00 3.41  ? 27   PRO A CA   1 
ATOM   355 C C    . PRO A 1 27 ? 4.485   7.347   -0.852  1.00 3.44  ? 27   PRO A C    1 
ATOM   356 O O    . PRO A 1 27 ? 3.716   8.249   -1.110  1.00 4.04  ? 27   PRO A O    1 
ATOM   357 C CB   . PRO A 1 27 ? 6.741   8.276   -0.143  1.00 4.54  ? 27   PRO A CB   1 
ATOM   358 C CG   . PRO A 1 27 ? 7.728   7.176   -0.566  1.00 4.94  ? 27   PRO A CG   1 
ATOM   359 C CD   . PRO A 1 27 ? 7.454   6.094   0.490   1.00 3.43  ? 27   PRO A CD   1 
ATOM   360 H HA   . PRO A 1 27 ? 5.003   8.021   1.051   1.00 4.11  ? 27   PRO A HA   1 
ATOM   361 H HB2  . PRO A 1 27 ? 6.547   8.880   -0.904  1.00 5.45  ? 27   PRO A HB2  1 
ATOM   362 H HB3  . PRO A 1 27 ? 7.114   8.811   0.600   1.00 5.45  ? 27   PRO A HB3  1 
ATOM   363 H HG2  . PRO A 1 27 ? 7.535   6.848   -1.479  1.00 5.92  ? 27   PRO A HG2  1 
ATOM   364 H HG3  . PRO A 1 27 ? 8.666   7.494   -0.523  1.00 5.92  ? 27   PRO A HG3  1 
ATOM   365 H HD2  . PRO A 1 27 ? 7.625   5.192   0.127   1.00 4.11  ? 27   PRO A HD2  1 
ATOM   366 H HD3  . PRO A 1 27 ? 8.015   6.232   1.295   1.00 4.11  ? 27   PRO A HD3  1 
ATOM   367 N N    . GLY A 1 28 ? 4.532   6.217   -1.555  1.00 2.98  ? 28   GLY A N    1 
ATOM   368 C CA   . GLY A 1 28 ? 3.584   6.005   -2.637  1.00 3.28  ? 28   GLY A CA   1 
ATOM   369 C C    . GLY A 1 28 ? 3.827   6.851   -3.853  1.00 3.40  ? 28   GLY A C    1 
ATOM   370 O O    . GLY A 1 28 ? 2.884   7.333   -4.499  1.00 3.80  ? 28   GLY A O    1 
ATOM   371 H H    . GLY A 1 28 ? 5.132   5.603   -1.364  1.00 3.35  ? 28   GLY A H    1 
ATOM   372 H HA2  . GLY A 1 28 ? 3.614   5.053   -2.904  1.00 3.87  ? 28   GLY A HA2  1 
ATOM   373 H HA3  . GLY A 1 28 ? 2.673   6.194   -2.300  1.00 3.87  ? 28   GLY A HA3  1 
ATOM   374 N N    . ASN A 1 29 ? 5.103   7.059   -4.221  1.00 3.30  ? 29   ASN A N    1 
ATOM   375 C CA   . ASN A 1 29 ? 5.470   7.985   -5.270  1.00 4.00  ? 29   ASN A CA   1 
ATOM   376 C C    . ASN A 1 29 ? 6.229   7.414   -6.418  1.00 3.87  ? 29   ASN A C    1 
ATOM   377 O O    . ASN A 1 29 ? 7.183   8.027   -6.934  1.00 4.68  ? 29   ASN A O    1 
ATOM   378 C CB   . ASN A 1 29 ? 6.199   9.214   -4.662  1.00 4.02  ? 29   ASN A CB   1 
ATOM   379 C CG   . ASN A 1 29 ? 7.445   8.828   -3.884  1.00 4.21  ? 29   ASN A CG   1 
ATOM   380 O OD1  . ASN A 1 29 ? 7.894   7.648   -3.840  1.00 4.24  ? 29   ASN A OD1  1 
ATOM   381 N ND2  . ASN A 1 29 ? 8.016   9.820   -3.243  1.00 5.13  ? 29   ASN A ND2  1 
ATOM   382 H H    . ASN A 1 29 ? 5.741   6.615   -3.806  1.00 4.03  ? 29   ASN A H    1 
ATOM   383 H HA   . ASN A 1 29 ? 4.612   8.330   -5.651  1.00 4.82  ? 29   ASN A HA   1 
ATOM   384 H HB2  . ASN A 1 29 ? 6.453   9.832   -5.392  1.00 4.82  ? 29   ASN A HB2  1 
ATOM   385 H HB3  . ASN A 1 29 ? 5.575   9.693   -4.062  1.00 4.82  ? 29   ASN A HB3  1 
ATOM   386 H HD21 . ASN A 1 29 ? 7.677   10.630  -3.294  1.00 6.16  ? 29   ASN A HD21 1 
ATOM   387 H HD22 . ASN A 1 29 ? 8.738   9.675   -2.761  1.00 6.16  ? 29   ASN A HD22 1 
ATOM   388 N N    . PRO A 1 30 ? 5.840   6.233   -7.001  1.00 4.23  ? 30   PRO A N    1 
ATOM   389 C CA   . PRO A 1 30 ? 4.597   5.493   -6.729  1.00 3.63  ? 30   PRO A CA   1 
ATOM   390 C C    . PRO A 1 30 ? 4.773   4.355   -5.720  1.00 3.68  ? 30   PRO A C    1 
ATOM   391 O O    . PRO A 1 30 ? 3.733   3.739   -5.379  1.00 3.87  ? 30   PRO A O    1 
ATOM   392 C CB   . PRO A 1 30 ? 4.267   4.894   -8.126  1.00 4.61  ? 30   PRO A CB   1 
ATOM   393 C CG   . PRO A 1 30 ? 5.623   4.632   -8.674  1.00 5.40  ? 30   PRO A CG   1 
ATOM   394 C CD   . PRO A 1 30 ? 6.452   5.799   -8.280  1.00 4.84  ? 30   PRO A CD   1 
ATOM   395 H HA   . PRO A 1 30 ? 3.871   6.115   -6.435  1.00 4.34  ? 30   PRO A HA   1 
ATOM   396 H HB2  . PRO A 1 30 ? 3.740   4.060   -8.047  1.00 5.53  ? 30   PRO A HB2  1 
ATOM   397 H HB3  . PRO A 1 30 ? 3.771   5.542   -8.688  1.00 5.53  ? 30   PRO A HB3  1 
ATOM   398 H HG2  . PRO A 1 30 ? 5.996   3.797   -8.294  1.00 6.47  ? 30   PRO A HG2  1 
ATOM   399 H HG3  . PRO A 1 30 ? 5.589   4.547   -9.661  1.00 6.47  ? 30   PRO A HG3  1 
ATOM   400 H HD2  . PRO A 1 30 ? 7.398   5.539   -8.153  1.00 5.76  ? 30   PRO A HD2  1 
ATOM   401 H HD3  . PRO A 1 30 ? 6.403   6.517   -8.959  1.00 5.76  ? 30   PRO A HD3  1 
ATOM   402 N N    . ASP A 1 31 ? 5.988   4.038   -5.339  1.00 3.44  ? 31   ASP A N    1 
ATOM   403 C CA   . ASP A 1 31 ? 6.224   2.932   -4.442  1.00 3.63  ? 31   ASP A CA   1 
ATOM   404 C C    . ASP A 1 31 ? 6.179   3.389   -2.979  1.00 3.24  ? 31   ASP A C    1 
ATOM   405 O O    . ASP A 1 31 ? 6.484   4.568   -2.656  1.00 3.54  ? 31   ASP A O    1 
ATOM   406 C CB   . ASP A 1 31 ? 7.599   2.329   -4.683  1.00 4.28  ? 31   ASP A CB   1 
ATOM   407 C CG   . ASP A 1 31 ? 7.780   1.732   -6.012  1.00 5.47  ? 31   ASP A CG   1 
ATOM   408 O OD1  . ASP A 1 31 ? 6.909   1.601   -6.836  1.00 8.06  ? 31   ASP A OD1  1 
ATOM   409 O OD2  . ASP A 1 31 ? 9.030   1.376   -6.228  1.00 6.21  ? 31   ASP A OD2  1 
ATOM   410 H H    . ASP A 1 31 ? 6.670   4.508   -5.635  1.00 4.11  ? 31   ASP A H    1 
ATOM   411 H HA   . ASP A 1 31 ? 5.524   2.231   -4.591  1.00 4.34  ? 31   ASP A HA   1 
ATOM   412 H HB2  . ASP A 1 31 ? 8.279   3.034   -4.556  1.00 5.13  ? 31   ASP A HB2  1 
ATOM   413 H HB3  . ASP A 1 31 ? 7.763   1.631   -4.000  1.00 5.13  ? 31   ASP A HB3  1 
ATOM   414 H HD2  . ASP A 1 31 ? 9.139   1.051   -6.993  1.00 9.32  ? 31   ASP A HD2  1 
ATOM   415 N N    . GLY A 1 32 ? 5.828   2.464   -2.099  1.00 3.52  ? 32   GLY A N    1 
ATOM   416 C CA   . GLY A 1 32 ? 5.785   2.753   -0.679  1.00 3.28  ? 32   GLY A CA   1 
ATOM   417 C C    . GLY A 1 32 ? 5.760   1.459   0.081   1.00 3.32  ? 32   GLY A C    1 
ATOM   418 O O    . GLY A 1 32 ? 5.955   0.354   -0.443  1.00 3.48  ? 32   GLY A O    1 
ATOM   419 H H    . GLY A 1 32 ? 5.620   1.658   -2.384  1.00 4.26  ? 32   GLY A H    1 
ATOM   420 H HA2  . GLY A 1 32 ? 6.579   3.280   -0.418  1.00 3.95  ? 32   GLY A HA2  1 
ATOM   421 H HA3  . GLY A 1 32 ? 4.976   3.282   -0.467  1.00 3.95  ? 32   GLY A HA3  1 
ATOM   422 N N    . THR A 1 33 ? 5.422   1.602   1.384   1.00 3.29  ? 33   THR A N    1 
ATOM   423 C CA   . THR A 1 33 ? 5.104   0.504   2.258   1.00 3.59  ? 33   THR A CA   1 
ATOM   424 C C    . THR A 1 33 ? 3.752   0.810   2.869   1.00 2.93  ? 33   THR A C    1 
ATOM   425 O O    . THR A 1 33 ? 3.464   1.941   3.223   1.00 3.49  ? 33   THR A O    1 
ATOM   426 C CB   . THR A 1 33 ? 6.220   0.306   3.277   1.00 4.02  ? 33   THR A CB   1 
ATOM   427 O OG1  . THR A 1 33 ? 7.429   0.058   2.627   1.00 4.97  ? 33   THR A OG1  1 
ATOM   428 C CG2  . THR A 1 33 ? 5.912   -0.841  4.231   1.00 4.95  ? 33   THR A CG2  1 
ATOM   429 H H    . THR A 1 33 ? 5.399   2.417   1.716   1.00 3.95  ? 33   THR A H    1 
ATOM   430 H HA   . THR A 1 33 ? 5.024   -0.327  1.707   1.00 4.26  ? 33   THR A HA   1 
ATOM   431 H HB   . THR A 1 33 ? 6.314   1.145   3.813   1.00 4.82  ? 33   THR A HB   1 
ATOM   432 H HG1  . THR A 1 33 ? 7.435   -0.727  2.334   1.00 7.50  ? 33   THR A HG1  1 
ATOM   433 H HG21 . THR A 1 33 ? 5.738   -1.655  3.713   1.00 7.42  ? 33   THR A HG21 1 
ATOM   434 H HG22 . THR A 1 33 ? 5.123   -0.617  4.766   1.00 7.42  ? 33   THR A HG22 1 
ATOM   435 H HG23 . THR A 1 33 ? 6.679   -0.989  4.822   1.00 7.42  ? 33   THR A HG23 1 
ATOM   436 N N    . CYS A 1 34 ? 2.892   -0.234  3.017   1.00 3.03  ? 34   CYS A N    1 
ATOM   437 C CA   . CYS A 1 34 ? 1.595   -0.022  3.594   1.00 3.02  ? 34   CYS A CA   1 
ATOM   438 C C    . CYS A 1 34 ? 1.725   0.138   5.107   1.00 3.48  ? 34   CYS A C    1 
ATOM   439 O O    . CYS A 1 34 ? 2.233   -0.765  5.800   1.00 5.46  ? 34   CYS A O    1 
ATOM   440 C CB   . CYS A 1 34 ? 0.670   -1.178  3.304   1.00 3.04  ? 34   CYS A CB   1 
ATOM   441 S SG   . CYS A 1 34 ? 0.296   -1.330  1.514   1.00 3.14  ? 34   CYS A SG   1 
ATOM   442 H H    . CYS A 1 34 ? 3.131   -1.041  2.755   1.00 3.63  ? 34   CYS A H    1 
ATOM   443 H HA   . CYS A 1 34 ? 1.201   0.814   3.211   1.00 3.63  ? 34   CYS A HA   1 
ATOM   444 H HB2  . CYS A 1 34 ? 1.089   -2.017  3.622   1.00 3.63  ? 34   CYS A HB2  1 
ATOM   445 H HB3  . CYS A 1 34 ? -0.176  -1.051  3.805   1.00 3.63  ? 34   CYS A HB3  1 
ATOM   446 N N    . TYR A 1 35 ? 1.286   1.269   5.601   1.00 2.99  ? 35   TYR A N    1 
ATOM   447 C CA   . TYR A 1 35 ? 1.410   1.680   6.983   1.00 3.21  ? 35   TYR A CA   1 
ATOM   448 C C    . TYR A 1 35 ? 0.030   1.871   7.580   1.00 3.24  ? 35   TYR A C    1 
ATOM   449 O O    . TYR A 1 35 ? -0.863  2.435   6.923   1.00 3.58  ? 35   TYR A O    1 
ATOM   450 C CB   . TYR A 1 35 ? 2.219   3.002   7.040   1.00 3.90  ? 35   TYR A CB   1 
ATOM   451 C CG   . TYR A 1 35 ? 2.425   3.514   8.406   1.00 3.70  ? 35   TYR A CG   1 
ATOM   452 C CD1  . TYR A 1 35 ? 1.637   4.531   8.922   1.00 4.15  ? 35   TYR A CD1  1 
ATOM   453 C CD2  . TYR A 1 35 ? 3.436   3.003   9.203   1.00 4.23  ? 35   TYR A CD2  1 
ATOM   454 C CE1  . TYR A 1 35 ? 1.846   5.000   10.234  1.00 5.01  ? 35   TYR A CE1  1 
ATOM   455 C CE2  . TYR A 1 35 ? 3.665   3.456   10.480  1.00 5.22  ? 35   TYR A CE2  1 
ATOM   456 C CZ   . TYR A 1 35 ? 2.880   4.466   11.005  1.00 4.70  ? 35   TYR A CZ   1 
ATOM   457 O OH   . TYR A 1 35 ? 3.154   4.938   12.231  1.00 5.92  ? 35   TYR A OH   1 
ATOM   458 H H    . TYR A 1 35 ? 0.883   1.822   5.048   1.00 3.63  ? 35   TYR A H    1 
ATOM   459 H HA   . TYR A 1 35 ? 1.896   0.973   7.497   1.00 3.87  ? 35   TYR A HA   1 
ATOM   460 H HB2  . TYR A 1 35 ? 3.102   2.850   6.616   1.00 4.66  ? 35   TYR A HB2  1 
ATOM   461 H HB3  . TYR A 1 35 ? 1.743   3.687   6.508   1.00 4.66  ? 35   TYR A HB3  1 
ATOM   462 H HD1  . TYR A 1 35 ? 0.949   4.913   8.389   1.00 4.97  ? 35   TYR A HD1  1 
ATOM   463 H HD2  . TYR A 1 35 ? 3.991   2.315   8.854   1.00 5.05  ? 35   TYR A HD2  1 
ATOM   464 H HE1  . TYR A 1 35 ? 1.286   5.680   10.591  1.00 6.00  ? 35   TYR A HE1  1 
ATOM   465 H HE2  . TYR A 1 35 ? 4.361   3.075   11.000  1.00 6.24  ? 35   TYR A HE2  1 
ATOM   466 H HH   . TYR A 1 35 ? 2.952   5.752   12.270  1.00 8.92  ? 35   TYR A HH   1 
ATOM   467 N N    . TYR A 1 36 ? -0.187  1.397   8.813   1.00 3.30  ? 36   TYR A N    1 
ATOM   468 C CA   . TYR A 1 36 ? -1.466  1.533   9.452   1.00 3.39  ? 36   TYR A CA   1 
ATOM   469 C C    . TYR A 1 36 ? -1.648  2.889   10.188  1.00 3.32  ? 36   TYR A C    1 
ATOM   470 O O    . TYR A 1 36 ? -0.840  3.280   10.986  1.00 4.36  ? 36   TYR A O    1 
ATOM   471 C CB   . TYR A 1 36 ? -1.629  0.390   10.535  1.00 4.55  ? 36   TYR A CB   1 
ATOM   472 C CG   . TYR A 1 36 ? -2.924  0.530   11.287  1.00 3.76  ? 36   TYR A CG   1 
ATOM   473 C CD1  . TYR A 1 36 ? -3.044  1.216   12.457  1.00 4.53  ? 36   TYR A CD1  1 
ATOM   474 C CD2  . TYR A 1 36 ? -4.083  -0.019  10.715  1.00 3.73  ? 36   TYR A CD2  1 
ATOM   475 C CE1  . TYR A 1 36 ? -4.278  1.434   13.060  1.00 4.51  ? 36   TYR A CE1  1 
ATOM   476 C CE2  . TYR A 1 36 ? -5.328  0.169   11.323  1.00 3.92  ? 36   TYR A CE2  1 
ATOM   477 C CZ   . TYR A 1 36 ? -5.414  0.938   12.493  1.00 4.07  ? 36   TYR A CZ   1 
ATOM   478 O OH   . TYR A 1 36 ? -6.682  1.126   13.011  1.00 4.97  ? 36   TYR A OH   1 
ATOM   479 H H    . TYR A 1 36 ? 0.468   0.996   9.242   1.00 3.95  ? 36   TYR A H    1 
ATOM   480 H HA   . TYR A 1 36 ? -2.186  1.434   8.767   1.00 4.11  ? 36   TYR A HA   1 
ATOM   481 H HB2  . TYR A 1 36 ? -1.601  -0.491  10.087  1.00 5.45  ? 36   TYR A HB2  1 
ATOM   482 H HB3  . TYR A 1 36 ? -0.871  0.433   11.172  1.00 5.45  ? 36   TYR A HB3  1 
ATOM   483 H HD1  . TYR A 1 36 ? -2.261  1.555   12.876  1.00 5.45  ? 36   TYR A HD1  1 
ATOM   484 H HD2  . TYR A 1 36 ? -4.019  -0.520  9.909   1.00 4.42  ? 36   TYR A HD2  1 
ATOM   485 H HE1  . TYR A 1 36 ? -4.331  1.932   13.869  1.00 5.45  ? 36   TYR A HE1  1 
ATOM   486 H HE2  . TYR A 1 36 ? -6.108  -0.220  10.946  1.00 4.66  ? 36   TYR A HE2  1 
ATOM   487 H HH   . TYR A 1 36 ? -6.645  1.673   13.649  1.00 7.50  ? 36   TYR A HH   1 
ATOM   488 N N    . LEU A 1 37 ? -2.792  3.513   9.863   1.00 4.14  ? 37   LEU A N    1 
ATOM   489 C CA   . LEU A 1 37 ? -3.282  4.661   10.624  1.00 4.84  ? 37   LEU A CA   1 
ATOM   490 C C    . LEU A 1 37 ? -4.629  4.370   11.246  1.00 4.60  ? 37   LEU A C    1 
ATOM   491 O O    . LEU A 1 37 ? -4.912  4.898   12.360  1.00 6.76  ? 37   LEU A O    1 
ATOM   492 C CB   . LEU A 1 37 ? -3.249  5.916   9.853   1.00 3.32  ? 37   LEU A CB   1 
ATOM   493 C CG   . LEU A 1 37 ? -1.834  6.590   9.725   1.00 6.21  ? 37   LEU A CG   1 
ATOM   494 C CD1  . LEU A 1 37 ? -1.848  7.584   8.659   1.00 8.20  ? 37   LEU A CD1  1 
ATOM   495 C CD2  . LEU A 1 37 ? -1.356  7.159   11.083  1.00 8.60  ? 37   LEU A CD2  1 
ATOM   496 O OXT  . LEU A 1 37 ? -5.426  3.685   10.550  1.00 4.59  ? 37   LEU A OXT  1 
ATOM   497 H H    . LEU A 1 37 ? -3.260  3.223   9.178   1.00 4.97  ? 37   LEU A H    1 
ATOM   498 H HA   . LEU A 1 37 ? -2.645  4.786   11.385  1.00 4.42  ? 37   LEU A HA   1 
ATOM   499 H HB2  . LEU A 1 37 ? -3.594  5.734   8.945   1.00 8.13  ? 37   LEU A HB2  1 
ATOM   500 H HB3  . LEU A 1 37 ? -3.865  6.564   10.282  1.00 8.13  ? 37   LEU A HB3  1 
ATOM   501 H HG   . LEU A 1 37 ? -1.186  5.876   9.456   1.00 7.42  ? 37   LEU A HG   1 
ATOM   502 H HD11 . LEU A 1 37 ? -2.629  8.165   8.765   1.00 12.32 ? 37   LEU A HD11 1 
ATOM   503 H HD12 . LEU A 1 37 ? -1.892  7.130   7.792   1.00 12.32 ? 37   LEU A HD12 1 
ATOM   504 H HD13 . LEU A 1 37 ? -1.030  8.124   8.704   1.00 12.32 ? 37   LEU A HD13 1 
ATOM   505 H HD21 . LEU A 1 37 ? -1.602  6.540   11.801  1.00 12.87 ? 37   LEU A HD21 1 
ATOM   506 H HD22 . LEU A 1 37 ? -1.780  8.030   11.241  1.00 12.87 ? 37   LEU A HD22 1 
ATOM   507 H HD23 . LEU A 1 37 ? -0.382  7.270   11.066  1.00 12.87 ? 37   LEU A HD23 1 
ATOM   508 H HXT  . LEU A 1 37 ? -6.142  3.577   10.971  1.00 6.87  ? 37   LEU A HXT  1 
HETATM 509 C C    . MOH B 2 .  ? 7.819   12.932  -1.370  1.00 9.38  ? 1001 MOH A C    1 
HETATM 510 O O    . MOH B 2 .  ? 6.645   12.493  -1.996  1.00 9.77  ? 1001 MOH A O    1 
HETATM 511 C C    . MOH C 2 .  ? 5.080   11.159  1.134   1.00 11.46 ? 1002 MOH A C    1 
HETATM 512 O O    . MOH C 2 .  ? 4.863   12.144  0.041   1.00 8.13  ? 1002 MOH A O    1 
HETATM 513 C C    . MOH D 2 .  ? -4.626  -9.573  -2.285  1.00 13.52 ? 1003 MOH A C    1 
HETATM 514 O O    . MOH D 2 .  ? -3.859  -9.184  -3.283  1.00 13.65 ? 1003 MOH A O    1 
HETATM 515 C C    . MOH E 2 .  ? -7.191  -11.980 -0.715  1.00 14.52 ? 1004 MOH A C    1 
HETATM 516 O O    . MOH E 2 .  ? -7.146  -11.030 0.249   1.00 15.27 ? 1004 MOH A O    1 
HETATM 517 C C    . MOH F 2 .  ? -10.157 -8.586  3.995   1.00 9.70  ? 1005 MOH A C    1 
HETATM 518 O O    . MOH F 2 .  ? -10.780 -9.004  2.876   1.00 9.20  ? 1005 MOH A O    1 
HETATM 519 C C    . MOH G 2 .  ? -4.861  3.163   -6.879  1.00 12.39 ? 1006 MOH A C    1 
HETATM 520 O O    . MOH G 2 .  ? -3.607  3.191   -6.358  1.00 8.97  ? 1006 MOH A O    1 
HETATM 521 C C    . MOH H 2 .  ? -3.568  4.888   -3.738  1.00 13.86 ? 1007 MOH A C    1 
HETATM 522 O O    . MOH H 2 .  ? -3.456  3.464   -3.821  1.00 12.16 ? 1007 MOH A O    1 
HETATM 523 C C    . MOH I 2 .  ? -7.116  -0.105  -3.318  1.00 10.06 ? 1008 MOH A C    1 
HETATM 524 O O    . MOH I 2 .  ? -7.151  0.542   -4.499  1.00 14.78 ? 1008 MOH A O    1 
HETATM 525 C C    . MOH J 2 .  ? -3.062  3.126   -0.617  1.00 9.04  ? 1009 MOH A C    1 
HETATM 526 O O    . MOH J 2 .  ? -2.346  2.278   -1.689  1.00 5.69  ? 1009 MOH A O    1 
HETATM 527 C C    . MOH K 2 .  ? 4.706   -3.540  -5.094  1.00 20.04 ? 1010 MOH A C    1 
HETATM 528 O O    . MOH K 2 .  ? 6.336   -3.773  -4.992  1.00 16.11 ? 1010 MOH A O    1 
HETATM 529 C C    . MOH L 2 .  ? 11.078  0.761   -9.095  1.00 16.99 ? 1011 MOH A C    1 
HETATM 530 O O    . MOH L 2 .  ? 9.696   0.968   -8.689  1.00 7.67  ? 1011 MOH A O    1 
HETATM 531 O O    . HOH M 3 .  ? -6.751  -0.111  4.108   1.00 4.33  ? 101  HOH A O    1 
HETATM 532 O O    . HOH M 3 .  ? -6.613  2.159   2.590   1.00 10.56 ? 102  HOH A O    1 
HETATM 533 O O    . HOH M 3 .  ? 1.966   0.053   10.327  1.00 6.91  ? 103  HOH A O    1 
HETATM 534 O O    . HOH M 3 .  ? 3.635   -6.296  -2.535  1.00 5.15  ? 104  HOH A O    1 
HETATM 535 O O    . HOH M 3 .  ? 7.976   -0.380  -2.163  1.00 8.36  ? 105  HOH A O    1 
HETATM 536 O O    . HOH M 3 .  ? -9.359  1.814   5.929   1.00 9.15  ? 106  HOH A O    1 
HETATM 537 O O    . HOH M 3 .  ? -9.951  1.789   3.061   1.00 20.97 ? 107  HOH A O    1 
HETATM 538 O O    . HOH M 3 .  ? -1.903  -3.794  12.649  1.00 18.55 ? 108  HOH A O    1 
HETATM 539 O O    . HOH M 3 .  ? -2.631  -5.881  6.930   1.00 24.33 ? 109  HOH A O    1 
HETATM 540 O O    . HOH M 3 .  ? -6.361  1.320   0.057   1.00 21.71 ? 110  HOH A O    1 
# 
loop_
_atom_site_anisotrop.id 
_atom_site_anisotrop.type_symbol 
_atom_site_anisotrop.pdbx_label_atom_id 
_atom_site_anisotrop.pdbx_label_alt_id 
_atom_site_anisotrop.pdbx_label_comp_id 
_atom_site_anisotrop.pdbx_label_asym_id 
_atom_site_anisotrop.pdbx_label_seq_id 
_atom_site_anisotrop.pdbx_PDB_ins_code 
_atom_site_anisotrop.U[1][1] 
_atom_site_anisotrop.U[2][2] 
_atom_site_anisotrop.U[3][3] 
_atom_site_anisotrop.U[1][2] 
_atom_site_anisotrop.U[1][3] 
_atom_site_anisotrop.U[2][3] 
_atom_site_anisotrop.pdbx_auth_seq_id 
_atom_site_anisotrop.pdbx_auth_comp_id 
_atom_site_anisotrop.pdbx_auth_asym_id 
_atom_site_anisotrop.pdbx_auth_atom_id 
1   N N   . PCA A 1  ? 0.1431 0.1221 0.1115 -0.0429 0.0649  -0.0417 1    PCA A N   
2   C CA  . PCA A 1  ? 0.1367 0.0675 0.0934 -0.0159 0.0574  -0.0037 1    PCA A CA  
3   C CB  . PCA A 1  ? 0.1309 0.1039 0.1624 -0.0396 0.0510  -0.0185 1    PCA A CB  
4   C CG  . PCA A 1  ? 0.1148 0.1627 0.1008 -0.0043 0.0108  -0.0277 1    PCA A CG  
5   C CD  . PCA A 1  ? 0.1805 0.2271 0.2323 -0.1370 0.0237  -0.0789 1    PCA A CD  
6   O OE  . PCA A 1  ? 0.2637 0.2139 0.1984 -0.1075 0.0156  -0.0156 1    PCA A OE  
7   C C   . PCA A 1  ? 0.0625 0.0562 0.0636 0.0001  0.0028  -0.0048 1    PCA A C   
8   O O   . PCA A 1  ? 0.0824 0.0594 0.0760 -0.0110 0.0022  -0.0178 1    PCA A O   
15  N N   . GLY A 2  ? 0.0519 0.0695 0.0529 -0.0091 -0.0046 -0.0172 2    GLY A N   
16  C CA  . GLY A 2  ? 0.0466 0.0500 0.0552 -0.0065 -0.0035 0.0000  2    GLY A CA  
17  C C   . GLY A 2  ? 0.0432 0.0474 0.0456 -0.0083 0.0075  0.0006  2    GLY A C   
18  O O   . GLY A 2  ? 0.0708 0.0526 0.0448 -0.0265 0.0137  -0.0007 2    GLY A O   
22  N N   . CYS A 3  ? 0.0664 0.0356 0.0543 -0.0212 0.0098  -0.0041 3    CYS A N   
23  C CA  . CYS A 3  ? 0.0437 0.0481 0.0451 -0.0060 0.0064  0.0013  3    CYS A CA  
24  C C   . CYS A 3  ? 0.0474 0.0512 0.0489 -0.0078 0.0123  0.0022  3    CYS A C   
25  O O   . CYS A 3  ? 0.0746 0.0354 0.0664 -0.0062 -0.0047 0.0010  3    CYS A O   
26  C CB  . CYS A 3  ? 0.0565 0.0404 0.0549 -0.0041 0.0043  0.0010  3    CYS A CB  
27  S SG  . CYS A 3  ? 0.0614 0.0516 0.0593 -0.0170 0.0042  -0.0031 3    CYS A SG  
32  N N   . ALA A 4  ? 0.0453 0.0408 0.0542 -0.0119 0.0009  -0.0065 4    ALA A N   
33  C CA  . ALA A 4  ? 0.0390 0.0343 0.0578 -0.0040 0.0028  0.0031  4    ALA A CA  
34  C C   . ALA A 4  ? 0.0425 0.0335 0.0564 0.0000  -0.0055 0.0075  4    ALA A C   
35  O O   . ALA A 4  ? 0.0594 0.0445 0.0577 0.0090  -0.0003 0.0016  4    ALA A O   
36  C CB  . ALA A 4  ? 0.0523 0.0449 0.0581 -0.0067 -0.0011 -0.0042 4    ALA A CB  
42  N N   . PHE A 5  ? 0.0460 0.0414 0.0766 0.0063  0.0173  0.0100  5    PHE A N   
43  C CA  . PHE A 5  ? 0.0487 0.0615 0.0736 0.0103  0.0134  0.0207  5    PHE A CA  
44  C C   . PHE A 5  ? 0.0662 0.0588 0.0631 0.0280  0.0236  0.0282  5    PHE A C   
45  O O   . PHE A 5  ? 0.0772 0.0424 0.0532 0.0097  0.0136  0.0026  5    PHE A O   
46  C CB  . PHE A 5  ? 0.0618 0.0786 0.0904 0.0021  -0.0116 0.0467  5    PHE A CB  
47  C CG  . PHE A 5  ? 0.0969 0.0555 0.1228 -0.0051 -0.0107 0.0548  5    PHE A CG  
48  C CD1 . PHE A 5  ? 0.0781 0.1631 0.0664 -0.0100 0.0058  0.0256  5    PHE A CD1 
49  C CD2 . PHE A 5  ? 0.0910 0.0760 0.2202 0.0015  -0.0297 -0.0053 5    PHE A CD2 
50  C CE1 . PHE A 5  ? 0.0904 0.1628 0.1012 -0.0365 -0.0265 0.0527  5    PHE A CE1 
51  C CE2 . PHE A 5  ? 0.1129 0.0966 0.2628 0.0141  -0.0599 -0.0163 5    PHE A CE2 
52  C CZ  . PHE A 5  ? 0.1247 0.0937 0.1902 -0.0324 -0.0637 0.0539  5    PHE A CZ  
62  N N   . GLU A 6  ? 0.0902 0.0884 0.0529 0.0250  0.0170  0.0264  6    GLU A N   
63  C CA  . GLU A 6  ? 0.0837 0.0632 0.0626 0.0203  0.0100  0.0079  6    GLU A CA  
64  C C   . GLU A 6  ? 0.0958 0.0597 0.0430 0.0116  -0.0024 0.0031  6    GLU A C   
65  O O   . GLU A 6  ? 0.1109 0.0321 0.0638 0.0103  0.0069  0.0108  6    GLU A O   
66  C CB  . GLU A 6  ? 0.1016 0.0818 0.0652 0.0117  0.0068  0.0126  6    GLU A CB  
67  C CG  . GLU A 6  ? 0.1516 0.0889 0.0797 0.0141  0.0148  -0.0054 6    GLU A CG  
68  C CD  . GLU A 6  ? 0.1749 0.0761 0.0865 -0.0167 0.0428  -0.0191 6    GLU A CD  
69  O OE1 . GLU A 6  ? 0.3337 0.1314 0.0883 0.0128  0.0317  0.0083  6    GLU A OE1 
70  O OE2 . GLU A 6  ? 0.1567 0.2125 0.1196 0.0558  0.0498  0.0453  6    GLU A OE2 
78  N N   . GLY A 7  ? 0.1170 0.0228 0.0588 -0.0004 0.0024  0.0042  7    GLY A N   
79  C CA  . GLY A 7  ? 0.0788 0.0543 0.0665 -0.0024 -0.0042 0.0047  7    GLY A CA  
80  C C   . GLY A 7  ? 0.0838 0.0355 0.0661 0.0073  0.0026  0.0011  7    GLY A C   
81  O O   . GLY A 7  ? 0.0774 0.0583 0.0791 0.0027  -0.0228 0.0018  7    GLY A O   
85  N N   . GLU A 8  ? 0.0777 0.0491 0.0494 0.0110  -0.0133 -0.0043 8    GLU A N   
86  C CA  . GLU A 8  ? 0.0558 0.0423 0.0544 0.0140  -0.0060 -0.0045 8    GLU A CA  
87  C C   . GLU A 8  ? 0.0502 0.0445 0.0634 -0.0079 -0.0139 -0.0064 8    GLU A C   
88  O O   . GLU A 8  ? 0.0533 0.0284 0.0866 0.0114  -0.0016 -0.0081 8    GLU A O   
89  C CB  . GLU A 8  ? 0.0565 0.0300 0.0521 0.0016  0.0099  0.0026  8    GLU A CB  
90  C CG  . GLU A 8  ? 0.0424 0.0342 0.0497 0.0054  0.0102  0.0085  8    GLU A CG  
91  C CD  . GLU A 8  ? 0.0500 0.0408 0.0551 -0.0070 0.0098  0.0047  8    GLU A CD  
92  O OE1 . GLU A 8  ? 0.0558 0.0488 0.0624 -0.0101 0.0116  0.0034  8    GLU A OE1 
93  O OE2 . GLU A 8  ? 0.0631 0.0642 0.0609 -0.0201 0.0113  -0.0151 8    GLU A OE2 
101 N N   . SER A 9  ? 0.0482 0.0251 0.0716 0.0055  0.0052  0.0080  9    SER A N   
102 C CA  . SER A 9  ? 0.0497 0.0322 0.0852 -0.0058 -0.0084 0.0031  9    SER A CA  
103 C C   . SER A 9  ? 0.0432 0.0395 0.0574 -0.0018 0.0050  -0.0038 9    SER A C   
104 O O   . SER A 9  ? 0.0570 0.0289 0.1004 -0.0043 -0.0109 0.0024  9    SER A O   
105 C CB  . SER A 9  ? 0.0357 0.0914 0.1009 0.0116  0.0180  0.0624  9    SER A CB  
106 O OG  . SER A 9  ? 0.0993 0.0759 0.1042 0.0044  0.0310  0.0139  9    SER A OG  
112 N N   . CYS A 10 ? 0.0372 0.0317 0.0472 0.0022  0.0082  0.0011  10   CYS A N   
113 C CA  . CYS A 10 ? 0.0405 0.0316 0.0457 -0.0105 0.0048  0.0056  10   CYS A CA  
114 C C   . CYS A 10 ? 0.0427 0.0324 0.0490 -0.0082 0.0021  -0.0074 10   CYS A C   
115 O O   . CYS A 10 ? 0.0592 0.0414 0.0468 -0.0138 -0.0038 -0.0034 10   CYS A O   
116 C CB  . CYS A 10 ? 0.0385 0.0341 0.0491 -0.0046 0.0003  0.0082  10   CYS A CB  
117 S SG  . CYS A 10 ? 0.0412 0.0309 0.0428 0.0010  0.0012  -0.0022 10   CYS A SG  
122 N N   . ASN A 11 ? 0.0478 0.0435 0.0445 -0.0225 0.0074  0.0004  11   ASN A N   
123 C CA  . ASN A 11 ? 0.0415 0.0573 0.0435 -0.0153 0.0076  -0.0046 11   ASN A CA  
124 C C   . ASN A 11 ? 0.0598 0.0532 0.0386 -0.0060 -0.0020 -0.0054 11   ASN A C   
125 O O   . ASN A 11 ? 0.0537 0.0543 0.0554 -0.0300 -0.0075 -0.0022 11   ASN A O   
126 C CB  . ASN A 11 ? 0.0709 0.0511 0.0553 -0.0059 0.0184  0.0075  11   ASN A CB  
127 C CG  . ASN A 11 ? 0.0660 0.0594 0.0405 -0.0196 0.0113  -0.0076 11   ASN A CG  
128 O OD1 . ASN A 11 ? 0.0677 0.0765 0.0393 -0.0246 0.0076  0.0025  11   ASN A OD1 
129 N ND2 . ASN A 11 ? 0.0693 0.0914 0.0443 -0.0189 0.0147  0.0083  11   ASN A ND2 
136 N N   . VAL A 12 ? 0.0458 0.0529 0.0644 -0.0127 0.0127  -0.0103 12   VAL A N   
137 C CA  . VAL A 12 ? 0.0452 0.0521 0.0915 -0.0083 -0.0132 -0.0070 12   VAL A CA  
138 C C   . VAL A 12 ? 0.0539 0.1034 0.0907 -0.0141 -0.0070 -0.0028 12   VAL A C   
139 O O   . VAL A 12 ? 0.0672 0.2332 0.1091 -0.0105 -0.0178 -0.0275 12   VAL A O   
140 C CB  . VAL A 12 ? 0.0566 0.0693 0.1583 -0.0014 -0.0069 -0.0363 12   VAL A CB  
141 C CG1 . VAL A 12 ? 0.1022 0.0984 0.1839 0.0097  0.0062  -0.0678 12   VAL A CG1 
142 C CG2 . VAL A 12 ? 0.0703 0.0748 0.2634 -0.0060 0.0126  -0.0014 12   VAL A CG2 
152 N N   . GLN A 13 ? 0.0599 0.0664 0.0745 -0.0051 -0.0191 0.0011  13   GLN A N   
153 C CA  . GLN A 13 ? 0.0932 0.0883 0.0666 0.0060  -0.0119 -0.0048 13   GLN A CA  
154 C C   . GLN A 13 ? 0.0548 0.0827 0.0711 -0.0125 -0.0048 -0.0086 13   GLN A C   
155 O O   . GLN A 13 ? 0.0873 0.0950 0.1021 -0.0045 -0.0413 -0.0119 13   GLN A O   
156 C CB  . GLN A 13 ? 0.1068 0.0835 0.0663 -0.0149 0.0060  0.0061  13   GLN A CB  
157 C CG  . GLN A 13 ? 0.0900 0.0956 0.0891 0.0013  -0.0132 -0.0101 13   GLN A CG  
158 C CD  . GLN A 13 ? 0.1076 0.1165 0.0761 0.0197  -0.0154 -0.0289 13   GLN A CD  
159 O OE1 . GLN A 13 ? 0.3468 0.0834 0.1632 0.0883  -0.1202 -0.0371 13   GLN A OE1 
160 N NE2 . GLN A 13 ? 0.0986 0.1125 0.1069 0.0053  -0.0121 -0.0314 13   GLN A NE2 
169 N N   . PHE A 14 ? 0.0554 0.0709 0.0683 -0.0214 0.0031  -0.0057 14   PHE A N   
170 C CA  . PHE A 14 ? 0.0722 0.0728 0.0530 -0.0164 0.0028  -0.0118 14   PHE A CA  
171 C C   . PHE A 14 ? 0.0543 0.0609 0.0699 -0.0115 0.0188  -0.0116 14   PHE A C   
172 O O   . PHE A 14 ? 0.0703 0.0601 0.0779 -0.0152 -0.0076 -0.0170 14   PHE A O   
173 C CB  . PHE A 14 ? 0.0736 0.0628 0.0580 -0.0160 0.0132  -0.0129 14   PHE A CB  
174 C CG  . PHE A 14 ? 0.0743 0.0758 0.0670 -0.0196 0.0061  -0.0165 14   PHE A CG  
175 C CD1 . PHE A 14 ? 0.1006 0.0859 0.0659 -0.0221 0.0132  -0.0016 14   PHE A CD1 
176 C CD2 . PHE A 14 ? 0.0900 0.0904 0.0737 -0.0256 0.0330  -0.0177 14   PHE A CD2 
177 C CE1 . PHE A 14 ? 0.1306 0.0809 0.0702 -0.0172 0.0049  -0.0090 14   PHE A CE1 
178 C CE2 . PHE A 14 ? 0.0942 0.0927 0.0864 -0.0228 0.0332  -0.0199 14   PHE A CE2 
179 C CZ  . PHE A 14 ? 0.1405 0.1037 0.0688 -0.0193 0.0294  -0.0167 14   PHE A CZ  
189 N N   . TYR A 15 ? 0.0654 0.0715 0.0534 -0.0372 0.0187  -0.0185 15   TYR A N   
190 C CA  . TYR A 15 ? 0.0506 0.0458 0.0662 -0.0144 0.0192  -0.0153 15   TYR A CA  
191 C C   . TYR A 15 ? 0.0393 0.0413 0.0429 -0.0098 0.0098  0.0071  15   TYR A C   
192 O O   . TYR A 15 ? 0.0440 0.0478 0.0532 -0.0157 -0.0008 0.0060  15   TYR A O   
193 C CB  . TYR A 15 ? 0.0539 0.0683 0.1364 0.0038  -0.0131 -0.0259 15   TYR A CB  
194 C CG  . TYR A 15 ? 0.0851 0.0741 0.1260 0.0104  -0.0260 0.0215  15   TYR A CG  
195 C CD1 . TYR A 15 ? 0.0738 0.0537 0.2427 -0.0025 -0.0571 -0.0022 15   TYR A CD1 
196 C CD2 . TYR A 15 ? 0.1344 0.0889 0.0850 0.0269  0.0045  -0.0037 15   TYR A CD2 
197 C CE1 . TYR A 15 ? 0.0852 0.0598 0.2128 0.0160  -0.0503 0.0008  15   TYR A CE1 
198 C CE2 . TYR A 15 ? 0.1546 0.0799 0.1076 0.0203  -0.0259 -0.0138 15   TYR A CE2 
199 C CZ  . TYR A 15 ? 0.1606 0.0897 0.1662 0.0446  -0.0417 -0.0325 15   TYR A CZ  
200 O OH  . TYR A 15 ? 0.2038 0.1213 0.2113 0.0339  -0.0755 -0.0674 15   TYR A OH  
210 N N   . PRO A 16 ? 0.0446 0.0467 0.0367 -0.0074 0.0130  -0.0043 16   PRO A N   
211 C CA  . PRO A 16 ? 0.0436 0.0437 0.0378 -0.0106 0.0046  -0.0034 16   PRO A CA  
212 C C   . PRO A 16 ? 0.0334 0.0368 0.0414 -0.0078 0.0045  -0.0023 16   PRO A C   
213 O O   . PRO A 16 ? 0.0508 0.0392 0.0470 -0.0114 0.0097  0.0032  16   PRO A O   
214 C CB  . PRO A 16 ? 0.0657 0.0488 0.0531 -0.0008 0.0012  0.0022  16   PRO A CB  
215 C CG  . PRO A 16 ? 0.0511 0.0560 0.0615 -0.0031 -0.0111 -0.0081 16   PRO A CG  
216 C CD  . PRO A 16 ? 0.0516 0.0386 0.0515 -0.0039 -0.0036 -0.0040 16   PRO A CD  
224 N N   . CYS A 17 ? 0.0447 0.0333 0.0379 -0.0123 0.0054  0.0020  17   CYS A N   
225 C CA  . CYS A 17 ? 0.0327 0.0412 0.0475 -0.0074 0.0067  0.0059  17   CYS A CA  
226 C C   . CYS A 17 ? 0.0510 0.0390 0.0312 -0.0036 -0.0005 0.0022  17   CYS A C   
227 O O   . CYS A 17 ? 0.0450 0.0465 0.0536 0.0003  -0.0039 0.0030  17   CYS A O   
228 C CB  . CYS A 17 ? 0.0433 0.0401 0.0440 -0.0076 -0.0002 0.0042  17   CYS A CB  
229 S SG  . CYS A 17 ? 0.0446 0.0364 0.0433 -0.0055 -0.0004 0.0028  17   CYS A SG  
234 N N   . CYS A 18 ? 0.0393 0.0460 0.0485 -0.0030 -0.0043 0.0017  18   CYS A N   
235 C CA  . CYS A 18 ? 0.0418 0.0432 0.0483 -0.0097 0.0108  0.0008  18   CYS A CA  
236 C C   . CYS A 18 ? 0.0526 0.0475 0.0525 -0.0168 0.0040  0.0046  18   CYS A C   
237 O O   . CYS A 18 ? 0.0508 0.0748 0.0432 -0.0151 -0.0024 -0.0089 18   CYS A O   
238 C CB  . CYS A 18 ? 0.0534 0.0540 0.0588 -0.0144 0.0094  0.0001  18   CYS A CB  
239 S SG  . CYS A 18 ? 0.0662 0.0472 0.0548 -0.0107 0.0151  0.0070  18   CYS A SG  
244 N N   . PRO A 19 ? 0.0380 0.0619 0.0398 -0.0135 0.0113  -0.0040 19   PRO A N   
245 C CA  . PRO A 19 ? 0.0545 0.0842 0.0449 -0.0082 0.0060  0.0002  19   PRO A CA  
246 C C   . PRO A 19 ? 0.0421 0.0815 0.0394 -0.0138 0.0089  0.0002  19   PRO A C   
247 O O   . PRO A 19 ? 0.0694 0.0781 0.0516 -0.0240 0.0221  -0.0087 19   PRO A O   
248 C CB  . PRO A 19 ? 0.0734 0.0880 0.0553 0.0110  0.0065  -0.0073 19   PRO A CB  
249 C CG  . PRO A 19 ? 0.0657 0.1066 0.0526 -0.0151 -0.0064 0.0027  19   PRO A CG  
250 C CD  . PRO A 19 ? 0.0494 0.0709 0.0417 -0.0103 0.0032  -0.0032 19   PRO A CD  
258 N N   . GLY A 20 ? 0.0511 0.0717 0.0436 0.0005  0.0137  -0.0068 20   GLY A N   
259 C CA  . GLY A 20 ? 0.0480 0.0876 0.0588 -0.0047 0.0061  -0.0094 20   GLY A CA  
260 C C   . GLY A 20 ? 0.0428 0.0649 0.0547 -0.0108 0.0106  -0.0121 20   GLY A C   
261 O O   . GLY A 20 ? 0.0493 0.0999 0.0457 -0.0270 0.0228  0.0064  20   GLY A O   
265 N N   . LEU A 21 ? 0.0458 0.0685 0.0435 -0.0195 0.0056  0.0071  21   LEU A N   
266 C CA  . LEU A 21 ? 0.0519 0.0636 0.0459 -0.0156 0.0109  0.0064  21   LEU A CA  
267 C C   . LEU A 21 ? 0.0453 0.0669 0.0392 -0.0212 0.0155  -0.0089 21   LEU A C   
268 O O   . LEU A 21 ? 0.0562 0.0628 0.0538 -0.0155 -0.0073 -0.0055 21   LEU A O   
269 C CB  . LEU A 21 ? 0.0595 0.0549 0.0564 -0.0162 -0.0017 -0.0004 21   LEU A CB  
270 C CG  . LEU A 21 ? 0.0891 0.0628 0.0881 -0.0109 0.0003  0.0031  21   LEU A CG  
271 C CD1 . LEU A 21 ? 0.1020 0.0670 0.0688 -0.0222 0.0053  -0.0137 21   LEU A CD1 
272 C CD2 . LEU A 21 ? 0.1465 0.0664 0.1274 -0.0263 0.0518  0.0075  21   LEU A CD2 
284 N N   . GLY A 22 ? 0.0480 0.0541 0.0392 -0.0087 0.0078  0.0028  22   GLY A N   
285 C CA  . GLY A 22 ? 0.0533 0.0549 0.0418 -0.0166 0.0110  0.0019  22   GLY A CA  
286 C C   . GLY A 22 ? 0.0469 0.0543 0.0339 -0.0048 0.0125  0.0034  22   GLY A C   
287 O O   . GLY A 22 ? 0.0504 0.0631 0.0520 -0.0157 0.0168  -0.0156 22   GLY A O   
291 N N   . LEU A 23 ? 0.0398 0.0440 0.0428 -0.0015 0.0162  0.0033  23   LEU A N   
292 C CA  . LEU A 23 ? 0.0411 0.0521 0.0407 -0.0075 0.0095  0.0033  23   LEU A CA  
293 C C   . LEU A 23 ? 0.0405 0.0514 0.0467 -0.0130 0.0023  0.0046  23   LEU A C   
294 O O   . LEU A 23 ? 0.0708 0.1021 0.0742 -0.0448 -0.0279 0.0448  23   LEU A O   
295 C CB  . LEU A 23 ? 0.0438 0.0392 0.0467 0.0001  0.0037  -0.0080 23   LEU A CB  
296 C CG  . LEU A 23 ? 0.0507 0.0388 0.0647 -0.0092 0.0113  -0.0059 23   LEU A CG  
297 C CD1 . LEU A 23 ? 0.0544 0.0539 0.0914 -0.0048 0.0181  -0.0195 23   LEU A CD1 
298 C CD2 . LEU A 23 ? 0.0679 0.0351 0.0696 0.0022  -0.0038 0.0064  23   LEU A CD2 
310 N N   . THR A 24 ? 0.0480 0.0410 0.0387 -0.0079 0.0021  0.0132  24   THR A N   
311 C CA  . THR A 24 ? 0.0372 0.0337 0.0471 0.0011  0.0072  0.0089  24   THR A CA  
312 C C   . THR A 24 ? 0.0338 0.0338 0.0456 -0.0069 0.0130  0.0072  24   THR A C   
313 O O   . THR A 24 ? 0.0443 0.0395 0.0446 0.0064  0.0084  0.0098  24   THR A O   
314 C CB  . THR A 24 ? 0.0527 0.0321 0.0513 0.0111  0.0201  0.0046  24   THR A CB  
315 O OG1 . THR A 24 ? 0.0672 0.0347 0.0471 -0.0075 0.0120  0.0108  24   THR A OG1 
316 C CG2 . THR A 24 ? 0.0536 0.0419 0.0510 -0.0034 0.0061  -0.0019 24   THR A CG2 
324 N N   . CYS A 25 ? 0.0335 0.0366 0.0376 -0.0049 0.0107  0.0071  25   CYS A N   
325 C CA  . CYS A 25 ? 0.0352 0.0270 0.0444 -0.0043 -0.0016 0.0042  25   CYS A CA  
326 C C   . CYS A 25 ? 0.0312 0.0303 0.0439 -0.0046 0.0082  -0.0063 25   CYS A C   
327 O O   . CYS A 25 ? 0.0444 0.0236 0.0537 -0.0053 0.0003  0.0075  25   CYS A O   
328 C CB  . CYS A 25 ? 0.0394 0.0399 0.0516 -0.0080 0.0007  0.0114  25   CYS A CB  
329 S SG  . CYS A 25 ? 0.0427 0.0324 0.0436 -0.0045 0.0078  0.0019  25   CYS A SG  
334 N N   . ILE A 26 ? 0.0413 0.0252 0.0387 -0.0055 -0.0031 0.0011  26   ILE A N   
335 C CA  . ILE A 26 ? 0.0427 0.0211 0.0412 -0.0033 -0.0041 -0.0070 26   ILE A CA  
336 C C   . ILE A 26 ? 0.0431 0.0310 0.0341 -0.0039 0.0006  -0.0070 26   ILE A C   
337 O O   . ILE A 26 ? 0.0359 0.0303 0.0522 -0.0030 0.0013  0.0005  26   ILE A O   
338 C CB  . ILE A 26 ? 0.0495 0.0365 0.0466 -0.0064 -0.0063 0.0015  26   ILE A CB  
339 C CG1 . ILE A 26 ? 0.0604 0.0540 0.0574 -0.0133 0.0052  -0.0153 26   ILE A CG1 
340 C CG2 . ILE A 26 ? 0.0493 0.0445 0.0493 -0.0089 -0.0062 -0.0046 26   ILE A CG2 
341 C CD1 . ILE A 26 ? 0.0765 0.0823 0.0761 -0.0300 0.0213  -0.0207 26   ILE A CD1 
353 N N   . PRO A 27 ? 0.0366 0.0367 0.0453 -0.0072 0.0075  -0.0039 27   PRO A N   
354 C CA  . PRO A 27 ? 0.0539 0.0281 0.0476 0.0007  0.0128  0.0060  27   PRO A CA  
355 C C   . PRO A 27 ? 0.0491 0.0292 0.0525 0.0068  0.0175  0.0024  27   PRO A C   
356 O O   . PRO A 27 ? 0.0610 0.0354 0.0570 0.0117  0.0132  0.0059  27   PRO A O   
357 C CB  . PRO A 27 ? 0.0677 0.0415 0.0634 -0.0186 0.0031  0.0153  27   PRO A CB  
358 C CG  . PRO A 27 ? 0.0582 0.0748 0.0546 -0.0158 0.0014  0.0146  27   PRO A CG  
359 C CD  . PRO A 27 ? 0.0396 0.0447 0.0460 -0.0054 0.0068  -0.0006 27   PRO A CD  
367 N N   . GLY A 28 ? 0.0373 0.0366 0.0395 0.0020  0.0097  0.0070  28   GLY A N   
368 C CA  . GLY A 28 ? 0.0336 0.0352 0.0556 -0.0032 0.0185  0.0018  28   GLY A CA  
369 C C   . GLY A 28 ? 0.0416 0.0457 0.0417 -0.0073 0.0005  0.0068  28   GLY A C   
370 O O   . GLY A 28 ? 0.0386 0.0633 0.0425 -0.0042 0.0099  0.0157  28   GLY A O   
374 N N   . ASN A 29 ? 0.0420 0.0441 0.0392 -0.0088 0.0078  0.0123  29   ASN A N   
375 C CA  . ASN A 29 ? 0.0374 0.0601 0.0547 -0.0104 0.0113  0.0132  29   ASN A CA  
376 C C   . ASN A 29 ? 0.0486 0.0579 0.0406 -0.0100 -0.0002 0.0095  29   ASN A C   
377 O O   . ASN A 29 ? 0.0490 0.0688 0.0600 -0.0174 0.0248  0.0156  29   ASN A O   
378 C CB  . ASN A 29 ? 0.0479 0.0486 0.0562 -0.0101 0.0064  -0.0044 29   ASN A CB  
379 C CG  . ASN A 29 ? 0.0487 0.0629 0.0482 -0.0165 0.0135  0.0045  29   ASN A CG  
380 O OD1 . ASN A 29 ? 0.0484 0.0605 0.0521 -0.0064 0.0051  0.0058  29   ASN A OD1 
381 N ND2 . ASN A 29 ? 0.0504 0.0726 0.0719 -0.0134 -0.0091 0.0010  29   ASN A ND2 
388 N N   . PRO A 30 ? 0.0452 0.0697 0.0458 -0.0011 0.0163  0.0113  30   PRO A N   
389 C CA  . PRO A 30 ? 0.0429 0.0473 0.0476 -0.0126 0.0102  0.0042  30   PRO A CA  
390 C C   . PRO A 30 ? 0.0470 0.0459 0.0468 -0.0058 0.0113  -0.0021 30   PRO A C   
391 O O   . PRO A 30 ? 0.0484 0.0504 0.0481 -0.0123 0.0128  0.0017  30   PRO A O   
392 C CB  . PRO A 30 ? 0.0599 0.0693 0.0459 -0.0154 0.0082  -0.0008 30   PRO A CB  
393 C CG  . PRO A 30 ? 0.0769 0.0754 0.0527 -0.0053 0.0221  -0.0027 30   PRO A CG  
394 C CD  . PRO A 30 ? 0.0615 0.0751 0.0471 0.0005  0.0162  0.0085  30   PRO A CD  
402 N N   . ASP A 31 ? 0.0396 0.0469 0.0442 -0.0091 0.0142  0.0056  31   ASP A N   
403 C CA  . ASP A 31 ? 0.0467 0.0357 0.0558 -0.0061 0.0133  -0.0054 31   ASP A CA  
404 C C   . ASP A 31 ? 0.0348 0.0350 0.0535 -0.0075 0.0114  -0.0038 31   ASP A C   
405 O O   . ASP A 31 ? 0.0443 0.0376 0.0525 -0.0087 0.0183  -0.0032 31   ASP A O   
406 C CB  . ASP A 31 ? 0.0524 0.0521 0.0581 0.0058  0.0080  -0.0006 31   ASP A CB  
407 C CG  . ASP A 31 ? 0.0615 0.0786 0.0675 0.0255  0.0101  -0.0130 31   ASP A CG  
408 O OD1 . ASP A 31 ? 0.0821 0.1465 0.0777 0.0373  -0.0115 -0.0504 31   ASP A OD1 
409 O OD2 . ASP A 31 ? 0.0850 0.0874 0.0636 0.0300  0.0186  -0.0044 31   ASP A OD2 
415 N N   . GLY A 32 ? 0.0396 0.0469 0.0442 -0.0091 0.0142  0.0056  32   GLY A N   
416 C CA  . GLY A 32 ? 0.0499 0.0295 0.0453 -0.0076 0.0102  -0.0039 32   GLY A CA  
417 C C   . GLY A 32 ? 0.0391 0.0310 0.0560 -0.0003 0.0020  0.0014  32   GLY A C   
418 O O   . GLY A 32 ? 0.0459 0.0315 0.0550 -0.0029 0.0014  0.0020  32   GLY A O   
422 N N   . THR A 33 ? 0.0392 0.0320 0.0540 0.0004  0.0026  -0.0059 33   THR A N   
423 C CA  . THR A 33 ? 0.0431 0.0376 0.0556 -0.0065 -0.0019 0.0060  33   THR A CA  
424 C C   . THR A 33 ? 0.0405 0.0309 0.0401 0.0004  -0.0044 0.0041  33   THR A C   
425 O O   . THR A 33 ? 0.0485 0.0280 0.0560 -0.0011 0.0053  0.0021  33   THR A O   
426 C CB  . THR A 33 ? 0.0533 0.0423 0.0572 -0.0102 -0.0056 0.0041  33   THR A CB  
427 O OG1 . THR A 33 ? 0.0503 0.0451 0.0935 0.0052  -0.0066 0.0008  33   THR A OG1 
428 C CG2 . THR A 33 ? 0.0595 0.0544 0.0743 -0.0066 -0.0136 0.0256  33   THR A CG2 
436 N N   . CYS A 34 ? 0.0427 0.0258 0.0467 -0.0025 0.0020  0.0011  34   CYS A N   
437 C CA  . CYS A 34 ? 0.0448 0.0228 0.0469 -0.0014 0.0112  -0.0059 34   CYS A CA  
438 C C   . CYS A 34 ? 0.0530 0.0328 0.0465 -0.0004 0.0032  0.0061  34   CYS A C   
439 O O   . CYS A 34 ? 0.1148 0.0393 0.0534 0.0165  -0.0125 0.0052  34   CYS A O   
440 C CB  . CYS A 34 ? 0.0518 0.0305 0.0335 -0.0024 0.0110  0.0016  34   CYS A CB  
441 S SG  . CYS A 34 ? 0.0420 0.0363 0.0408 -0.0036 0.0054  -0.0013 34   CYS A SG  
446 N N   . TYR A 35 ? 0.0474 0.0273 0.0388 0.0036  0.0030  0.0011  35   TYR A N   
447 C CA  . TYR A 35 ? 0.0533 0.0333 0.0354 -0.0094 0.0028  0.0025  35   TYR A CA  
448 C C   . TYR A 35 ? 0.0423 0.0281 0.0527 -0.0054 0.0080  0.0009  35   TYR A C   
449 O O   . TYR A 35 ? 0.0455 0.0400 0.0504 -0.0032 0.0108  0.0119  35   TYR A O   
450 C CB  . TYR A 35 ? 0.0444 0.0490 0.0549 -0.0076 0.0030  -0.0016 35   TYR A CB  
451 C CG  . TYR A 35 ? 0.0410 0.0554 0.0444 -0.0166 0.0099  0.0063  35   TYR A CG  
452 C CD1 . TYR A 35 ? 0.0414 0.0568 0.0593 -0.0073 0.0033  -0.0054 35   TYR A CD1 
453 C CD2 . TYR A 35 ? 0.0642 0.0448 0.0515 -0.0134 -0.0009 -0.0025 35   TYR A CD2 
454 C CE1 . TYR A 35 ? 0.0544 0.0669 0.0690 -0.0157 0.0072  -0.0102 35   TYR A CE1 
455 C CE2 . TYR A 35 ? 0.0746 0.0532 0.0706 -0.0145 -0.0181 0.0102  35   TYR A CE2 
456 C CZ  . TYR A 35 ? 0.0578 0.0715 0.0493 -0.0294 0.0033  -0.0087 35   TYR A CZ  
457 O OH  . TYR A 35 ? 0.1014 0.0730 0.0507 -0.0335 -0.0053 -0.0020 35   TYR A OH  
467 N N   . TYR A 36 ? 0.0424 0.0504 0.0328 -0.0087 0.0150  0.0137  36   TYR A N   
468 C CA  . TYR A 36 ? 0.0385 0.0536 0.0368 -0.0049 0.0059  0.0052  36   TYR A CA  
469 C C   . TYR A 36 ? 0.0420 0.0555 0.0289 -0.0100 0.0164  0.0024  36   TYR A C   
470 O O   . TYR A 36 ? 0.0551 0.0712 0.0393 -0.0192 0.0061  -0.0129 36   TYR A O   
471 C CB  . TYR A 36 ? 0.0520 0.0699 0.0510 -0.0144 0.0031  0.0148  36   TYR A CB  
472 C CG  . TYR A 36 ? 0.0448 0.0473 0.0507 -0.0037 0.0071  0.0072  36   TYR A CG  
473 C CD1 . TYR A 36 ? 0.0522 0.0827 0.0374 -0.0200 0.0124  0.0045  36   TYR A CD1 
474 C CD2 . TYR A 36 ? 0.0553 0.0528 0.0336 -0.0092 0.0075  0.0031  36   TYR A CD2 
475 C CE1 . TYR A 36 ? 0.0545 0.0653 0.0515 -0.0214 0.0011  0.0004  36   TYR A CE1 
476 C CE2 . TYR A 36 ? 0.0439 0.0587 0.0463 -0.0186 0.0101  0.0060  36   TYR A CE2 
477 C CZ  . TYR A 36 ? 0.0506 0.0480 0.0559 -0.0054 0.0190  0.0071  36   TYR A CZ  
478 O OH  . TYR A 36 ? 0.0522 0.0697 0.0667 -0.0188 0.0192  -0.0081 36   TYR A OH  
488 N N   . LEU A 37 ? 0.0517 0.0543 0.0513 -0.0043 0.0198  -0.0068 37   LEU A N   
489 C CA  . LEU A 37 ? 0.0589 0.0510 0.0738 -0.0095 0.0182  -0.0033 37   LEU A CA  
490 C C   . LEU A 37 ? 0.0503 0.0632 0.0613 0.0023  0.0203  -0.0054 37   LEU A C   
491 O O   . LEU A 37 ? 0.0723 0.1047 0.0798 -0.0144 0.0344  -0.0239 37   LEU A O   
492 C CB  . LEU A 37 ? 0.0940 0.0576 0.1044 0.0052  0.0355  0.0040  37   LEU A CB  
493 C CG  . LEU A 37 ? 0.0726 0.0667 0.0966 0.0019  0.0059  0.0080  37   LEU A CG  
494 C CD1 . LEU A 37 ? 0.0945 0.0994 0.1175 0.0080  0.0402  -0.0003 37   LEU A CD1 
495 C CD2 . LEU A 37 ? 0.0923 0.1112 0.1234 -0.0267 -0.0085 0.0284  37   LEU A CD2 
496 O OXT . LEU A 37 ? 0.0431 0.0720 0.0592 -0.0110 0.0146  -0.0192 37   LEU A OXT 
509 C C   . MOH B .  ? 0.1110 0.1287 0.1169 -0.0103 -0.0398 -0.0013 1001 MOH A C   
510 O O   . MOH B .  ? 0.1043 0.1200 0.1470 -0.0039 -0.0291 -0.0154 1001 MOH A O   
511 C C   . MOH C .  ? 0.1624 0.0548 0.2181 0.0012  0.0127  0.0338  1002 MOH A C   
512 O O   . MOH C .  ? 0.0929 0.0806 0.1354 -0.0019 -0.0068 -0.0116 1002 MOH A O   
513 C C   . MOH D .  ? 0.2918 0.0859 0.1362 -0.0253 -0.0155 0.0249  1003 MOH A C   
514 O O   . MOH D .  ? 0.1786 0.0841 0.2561 -0.0350 -0.0122 0.0484  1003 MOH A O   
515 C C   . MOH E .  ? 0.2831 0.1431 0.1253 0.0685  0.0187  -0.0310 1004 MOH A C   
516 O O   . MOH E .  ? 0.1894 0.1857 0.2052 -0.0290 0.0213  -0.0161 1004 MOH A O   
517 C C   . MOH F .  ? 0.1238 0.1168 0.1279 -0.0177 -0.0338 0.0122  1005 MOH A C   
518 O O   . MOH F .  ? 0.1035 0.1174 0.1287 -0.0251 -0.0335 0.0097  1005 MOH A O   
519 C C   . MOH G .  ? 0.0724 0.2065 0.1917 0.0033  -0.0238 -0.0561 1006 MOH A C   
520 O O   . MOH G .  ? 0.0949 0.1151 0.1310 -0.0117 -0.0177 0.0044  1006 MOH A O   
521 C C   . MOH H .  ? 0.1294 0.1002 0.2973 0.0338  -0.0832 -0.1015 1007 MOH A C   
522 O O   . MOH H .  ? 0.1785 0.1004 0.1831 0.0243  -0.0126 -0.0017 1007 MOH A O   
523 C C   . MOH I .  ? 0.1506 0.1221 0.1097 0.0271  -0.0286 0.0190  1008 MOH A C   
524 O O   . MOH I .  ? 0.1500 0.1665 0.2452 -0.0063 -0.0289 0.0212  1008 MOH A O   
525 C C   . MOH J .  ? 0.1372 0.0816 0.1248 -0.0055 0.0074  -0.0258 1009 MOH A C   
526 O O   . MOH J .  ? 0.0776 0.0551 0.0837 -0.0059 -0.0141 0.0038  1009 MOH A O   
527 C C   . MOH K .  ? 0.1286 0.4805 0.1523 -0.0308 0.0531  -0.0217 1010 MOH A C   
528 O O   . MOH K .  ? 0.2074 0.1888 0.2158 -0.0007 0.0202  -0.0135 1010 MOH A O   
529 C C   . MOH L .  ? 0.1516 0.1619 0.3322 0.0733  0.0353  -0.0891 1011 MOH A C   
530 O O   . MOH L .  ? 0.1110 0.0852 0.0951 0.0088  0.0324  -0.0050 1011 MOH A O   
531 O O   . HOH M .  ? 0.0535 0.0676 0.0433 -0.0189 0.0039  -0.0015 101  HOH A O   
532 O O   . HOH M .  ? 0.0905 0.1258 0.1852 -0.0313 -0.0273 0.0706  102  HOH A O   
533 O O   . HOH M .  ? 0.0741 0.1012 0.0873 0.0123  -0.0011 0.0170  103  HOH A O   
534 O O   . HOH M .  ? 0.0523 0.0641 0.0793 -0.0132 0.0180  -0.0106 104  HOH A O   
535 O O   . HOH M .  ? 0.1180 0.0833 0.1165 -0.0059 0.0170  0.0041  105  HOH A O   
536 O O   . HOH M .  ? 0.1104 0.1144 0.1227 -0.0046 -0.0203 0.0236  106  HOH A O   
537 O O   . HOH M .  ? 0.4915 0.1132 0.1920 0.1128  -0.0207 0.0260  107  HOH A O   
538 O O   . HOH M .  ? 0.2370 0.2456 0.2221 -0.0159 0.0073  0.0934  108  HOH A O   
539 O O   . HOH M .  ? 0.2164 0.5789 0.1291 -0.2064 0.0274  -0.0400 109  HOH A O   
540 O O   . HOH M .  ? 0.2311 0.2265 0.3675 0.0393  0.0525  0.0308  110  HOH A O   
# 
